data_3F2R
#
_entry.id   3F2R
#
_cell.length_a   55.553
_cell.length_b   119.581
_cell.length_c   131.301
_cell.angle_alpha   90.000
_cell.angle_beta   90.000
_cell.angle_gamma   90.000
#
_symmetry.space_group_name_H-M   'P 21 21 21'
#
loop_
_entity.id
_entity.type
_entity.pdbx_description
1 polymer 'Choline kinase alpha'
2 non-polymer "(2S,2'S)-2,2'-biphenyl-4,4'-diylbis(2-hydroxy-4,4-dimethylmorpholin-4-ium)"
3 non-polymer 'UNKNOWN ATOM OR ION'
4 water water
#
_entity_poly.entity_id   1
_entity_poly.type   'polypeptide(L)'
_entity_poly.pdbx_seq_one_letter_code
;GSSHHHHHHSSGLVPRGSPQPPADEQPEPRTRRRAYLWCKEFLPGAWRGLREDEFHISVIRGGLSNMLFQCSLPDTTATL
GDEPRKVLLRLYGAILQMRSCNKEGSEQAQKENEFQGAEAMVLESVMFAILAERSLGPKLYGIFPQGRLEQFIPSRRLDT
EELSLPDISAEIAEKMATFHGMKMPFNKEPKWLFGTMEKYLKEVLRIKFTEESRIKKLHKLLSYNLPLELENLRSLLEST
PSPVVFCHNDCQEGNILLLEGRENSEKQKLMLIDFEYSSYNYRGFDIGNHFCEWMYDYSYEKYPFFRANIRKYPTKKQQL
HFISSYLPAFQNDFENLSTEEKSIIKEEMLLEVNRFALASHFLWGLWSIVQAKISSIEFGYMDYAQARFDAYFHQKRKLG
V
;
_entity_poly.pdbx_strand_id   A,B
#
# COMPACT_ATOMS: atom_id res chain seq x y z
N GLU A 25 11.23 -3.15 -28.34
CA GLU A 25 10.87 -4.61 -28.19
C GLU A 25 9.43 -4.73 -27.71
N GLN A 26 8.67 -5.51 -28.47
CA GLN A 26 7.27 -5.77 -28.17
C GLN A 26 7.14 -7.02 -27.35
N PRO A 27 6.29 -6.96 -26.31
CA PRO A 27 6.08 -8.15 -25.47
C PRO A 27 5.34 -9.20 -26.26
N GLU A 28 5.15 -10.38 -25.69
CA GLU A 28 4.41 -11.41 -26.41
C GLU A 28 2.92 -11.12 -26.26
N PRO A 29 2.09 -11.66 -27.16
CA PRO A 29 0.68 -11.30 -27.21
C PRO A 29 -0.13 -11.38 -25.91
N ARG A 30 0.08 -12.39 -25.06
CA ARG A 30 -0.70 -12.51 -23.78
C ARG A 30 -0.42 -11.34 -22.84
N THR A 31 0.86 -10.93 -22.77
CA THR A 31 1.29 -9.83 -21.88
C THR A 31 0.66 -8.51 -22.33
N ARG A 32 0.80 -8.18 -23.60
CA ARG A 32 0.16 -7.00 -24.17
C ARG A 32 -1.35 -6.89 -23.85
N ARG A 33 -2.06 -8.03 -23.88
CA ARG A 33 -3.51 -8.05 -23.62
C ARG A 33 -3.78 -7.86 -22.11
N ARG A 34 -3.00 -8.55 -21.27
CA ARG A 34 -3.09 -8.42 -19.81
C ARG A 34 -2.71 -6.99 -19.37
N ALA A 35 -1.61 -6.49 -19.93
CA ALA A 35 -1.17 -5.10 -19.69
C ALA A 35 -2.24 -4.08 -20.08
N TYR A 36 -2.83 -4.28 -21.22
CA TYR A 36 -3.84 -3.41 -21.74
C TYR A 36 -4.98 -3.26 -20.74
N LEU A 37 -5.45 -4.38 -20.25
CA LEU A 37 -6.61 -4.42 -19.35
C LEU A 37 -6.31 -3.86 -17.97
N TRP A 38 -5.06 -4.01 -17.50
CA TRP A 38 -4.67 -3.44 -16.20
C TRP A 38 -4.68 -1.92 -16.32
N CYS A 39 -4.15 -1.41 -17.42
CA CYS A 39 -4.10 0.04 -17.62
C CYS A 39 -5.47 0.61 -17.79
N LYS A 40 -6.23 -0.01 -18.69
CA LYS A 40 -7.55 0.45 -19.02
C LYS A 40 -8.42 0.51 -17.74
N GLU A 41 -8.27 -0.45 -16.84
CA GLU A 41 -9.14 -0.53 -15.66
C GLU A 41 -8.63 0.24 -14.45
N PHE A 42 -7.30 0.33 -14.29
CA PHE A 42 -6.71 0.98 -13.12
C PHE A 42 -6.46 2.45 -13.35
N LEU A 43 -6.19 2.84 -14.58
CA LEU A 43 -5.81 4.21 -14.86
C LEU A 43 -7.03 4.99 -15.29
N PRO A 44 -7.14 6.22 -14.81
CA PRO A 44 -8.25 7.08 -15.14
C PRO A 44 -8.03 7.91 -16.41
N GLY A 45 -9.01 8.76 -16.74
CA GLY A 45 -8.96 9.61 -17.93
C GLY A 45 -9.06 8.81 -19.23
N ALA A 46 -8.28 9.23 -20.23
CA ALA A 46 -8.30 8.63 -21.59
C ALA A 46 -8.06 7.11 -21.60
N TRP A 47 -7.39 6.63 -20.57
CA TRP A 47 -7.11 5.23 -20.41
C TRP A 47 -8.33 4.37 -20.32
N ARG A 48 -9.37 4.87 -19.62
CA ARG A 48 -10.58 4.05 -19.42
C ARG A 48 -11.25 3.62 -20.76
N GLY A 49 -11.23 4.51 -21.76
CA GLY A 49 -11.89 4.22 -23.06
C GLY A 49 -10.97 3.95 -24.24
N LEU A 50 -9.80 3.36 -23.94
CA LEU A 50 -8.77 3.08 -24.95
C LEU A 50 -9.08 1.73 -25.55
N ARG A 51 -8.94 1.62 -26.86
CA ARG A 51 -9.07 0.33 -27.51
C ARG A 51 -7.76 -0.42 -27.46
N GLU A 52 -7.85 -1.75 -27.48
CA GLU A 52 -6.68 -2.61 -27.54
C GLU A 52 -5.72 -2.12 -28.64
N ASP A 53 -6.27 -1.80 -29.79
CA ASP A 53 -5.48 -1.45 -30.96
C ASP A 53 -4.73 -0.14 -30.79
N GLU A 54 -5.22 0.73 -29.92
CA GLU A 54 -4.54 2.01 -29.61
C GLU A 54 -3.39 1.86 -28.60
N PHE A 55 -3.48 0.83 -27.78
CA PHE A 55 -2.54 0.59 -26.69
C PHE A 55 -1.08 0.46 -27.18
N HIS A 56 -0.18 1.24 -26.54
CA HIS A 56 1.27 1.20 -26.79
C HIS A 56 1.98 0.59 -25.59
N ILE A 57 2.75 -0.46 -25.84
CA ILE A 57 3.56 -1.12 -24.82
C ILE A 57 4.92 -1.53 -25.39
N SER A 58 5.99 -1.29 -24.64
CA SER A 58 7.29 -1.85 -25.01
C SER A 58 8.06 -2.37 -23.78
N VAL A 59 8.81 -3.46 -23.97
CA VAL A 59 9.65 -4.06 -22.91
C VAL A 59 10.82 -3.12 -22.46
N ILE A 60 10.97 -2.93 -21.15
CA ILE A 60 12.14 -2.27 -20.56
C ILE A 60 13.11 -3.35 -20.08
N ARG A 61 12.55 -4.44 -19.54
CA ARG A 61 13.30 -5.67 -19.23
C ARG A 61 12.45 -6.96 -19.41
N GLY A 62 13.09 -8.01 -19.94
CA GLY A 62 12.44 -9.32 -20.14
C GLY A 62 12.75 -10.30 -19.01
N GLY A 63 12.66 -11.59 -19.33
CA GLY A 63 13.04 -12.65 -18.40
C GLY A 63 11.84 -13.41 -17.84
N LEU A 64 12.11 -14.32 -16.90
CA LEU A 64 11.05 -15.08 -16.20
C LEU A 64 10.41 -14.30 -15.03
N SER A 65 11.21 -13.43 -14.38
CA SER A 65 10.78 -12.60 -13.22
C SER A 65 11.09 -11.10 -13.39
N ASN A 66 10.38 -10.28 -12.62
CA ASN A 66 10.39 -8.80 -12.73
C ASN A 66 10.67 -8.17 -14.10
N MET A 67 9.75 -8.43 -15.03
CA MET A 67 9.79 -7.81 -16.32
C MET A 67 9.18 -6.44 -16.17
N LEU A 68 9.74 -5.48 -16.90
CA LEU A 68 9.27 -4.13 -16.82
C LEU A 68 8.85 -3.73 -18.20
N PHE A 69 7.79 -2.94 -18.26
CA PHE A 69 7.22 -2.45 -19.51
C PHE A 69 6.83 -1.01 -19.36
N GLN A 70 6.94 -0.26 -20.45
CA GLN A 70 6.43 1.10 -20.51
C GLN A 70 5.13 1.03 -21.29
N CYS A 71 4.06 1.51 -20.68
CA CYS A 71 2.78 1.52 -21.34
C CYS A 71 2.44 2.96 -21.56
N SER A 72 1.71 3.21 -22.64
CA SER A 72 1.58 4.55 -23.16
C SER A 72 0.28 4.81 -23.92
N LEU A 73 -0.26 6.02 -23.75
CA LEU A 73 -1.27 6.56 -24.64
C LEU A 73 -0.67 6.85 -26.04
N PRO A 74 -1.49 6.79 -27.11
CA PRO A 74 -1.05 7.30 -28.41
C PRO A 74 -0.72 8.80 -28.27
N ASP A 75 0.24 9.29 -29.04
CA ASP A 75 0.57 10.72 -28.95
C ASP A 75 -0.62 11.62 -29.38
N THR A 76 -1.48 11.09 -30.26
CA THR A 76 -2.68 11.80 -30.74
C THR A 76 -3.90 11.77 -29.78
N THR A 77 -3.79 11.05 -28.67
CA THR A 77 -4.85 11.01 -27.66
C THR A 77 -4.62 12.11 -26.60
N ALA A 78 -5.65 12.92 -26.37
CA ALA A 78 -5.59 13.94 -25.36
C ALA A 78 -5.92 13.32 -23.97
N THR A 79 -5.28 13.85 -22.93
CA THR A 79 -5.63 13.48 -21.57
C THR A 79 -6.84 14.34 -21.15
N LEU A 80 -7.74 13.73 -20.39
CA LEU A 80 -8.96 14.38 -19.95
C LEU A 80 -8.68 15.22 -18.70
N GLY A 81 -7.72 14.76 -17.89
CA GLY A 81 -7.35 15.38 -16.60
C GLY A 81 -5.86 15.27 -16.31
N ASP A 82 -5.50 14.87 -15.08
CA ASP A 82 -4.08 14.74 -14.67
C ASP A 82 -3.60 13.27 -14.60
N GLU A 83 -4.21 12.43 -15.44
CA GLU A 83 -3.74 11.09 -15.66
C GLU A 83 -2.37 11.11 -16.40
N PRO A 84 -1.56 10.07 -16.20
CA PRO A 84 -0.27 10.05 -16.84
C PRO A 84 -0.39 9.63 -18.28
N ARG A 85 0.52 10.12 -19.12
CA ARG A 85 0.60 9.71 -20.52
C ARG A 85 1.32 8.39 -20.67
N LYS A 86 2.28 8.13 -19.78
CA LYS A 86 2.86 6.80 -19.67
C LYS A 86 3.15 6.36 -18.24
N VAL A 87 3.14 5.04 -18.10
CA VAL A 87 3.33 4.39 -16.83
C VAL A 87 4.31 3.24 -16.99
N LEU A 88 4.84 2.78 -15.87
CA LEU A 88 5.67 1.62 -15.85
C LEU A 88 4.81 0.47 -15.29
N LEU A 89 4.76 -0.64 -16.02
CA LEU A 89 4.16 -1.86 -15.55
C LEU A 89 5.26 -2.79 -15.03
N ARG A 90 5.12 -3.26 -13.78
CA ARG A 90 6.05 -4.23 -13.18
C ARG A 90 5.35 -5.57 -12.98
N LEU A 91 5.77 -6.59 -13.72
CA LEU A 91 5.23 -7.93 -13.54
C LEU A 91 6.17 -8.79 -12.71
N TYR A 92 5.68 -9.39 -11.62
CA TYR A 92 6.56 -10.16 -10.76
C TYR A 92 7.12 -11.44 -11.43
N GLY A 93 6.25 -12.26 -12.02
CA GLY A 93 6.67 -13.51 -12.69
C GLY A 93 6.94 -14.68 -11.74
N ALA A 120 5.62 -10.86 2.68
CA ALA A 120 6.49 -9.76 2.22
C ALA A 120 5.86 -8.95 1.06
N MET A 121 4.90 -9.53 0.33
CA MET A 121 4.14 -8.79 -0.71
C MET A 121 3.32 -7.69 -0.04
N VAL A 122 2.82 -7.94 1.18
CA VAL A 122 2.08 -6.92 1.95
C VAL A 122 2.96 -5.72 2.34
N LEU A 123 4.10 -6.00 2.96
CA LEU A 123 4.98 -4.94 3.48
C LEU A 123 5.63 -4.18 2.35
N GLU A 124 5.99 -4.90 1.29
CA GLU A 124 6.65 -4.30 0.12
C GLU A 124 5.70 -3.34 -0.58
N SER A 125 4.40 -3.70 -0.55
CA SER A 125 3.33 -2.93 -1.18
C SER A 125 2.96 -1.71 -0.37
N VAL A 126 2.67 -1.95 0.92
CA VAL A 126 2.45 -0.86 1.90
C VAL A 126 3.61 0.13 1.91
N MET A 127 4.84 -0.39 1.90
CA MET A 127 6.06 0.45 1.84
C MET A 127 6.11 1.31 0.59
N PHE A 128 5.92 0.69 -0.59
CA PHE A 128 5.83 1.44 -1.88
C PHE A 128 4.73 2.54 -1.86
N ALA A 129 3.56 2.19 -1.31
CA ALA A 129 2.44 3.13 -1.17
C ALA A 129 2.78 4.30 -0.27
N ILE A 130 3.39 4.03 0.89
CA ILE A 130 3.75 5.15 1.81
C ILE A 130 4.76 6.09 1.18
N LEU A 131 5.76 5.52 0.53
CA LEU A 131 6.84 6.31 -0.07
C LEU A 131 6.33 7.13 -1.24
N ALA A 132 5.40 6.56 -2.01
CA ALA A 132 4.67 7.30 -3.05
C ALA A 132 3.89 8.47 -2.45
N GLU A 133 3.15 8.20 -1.38
CA GLU A 133 2.45 9.30 -0.67
C GLU A 133 3.40 10.40 -0.24
N ARG A 134 4.58 10.02 0.21
CA ARG A 134 5.55 10.99 0.77
C ARG A 134 6.42 11.64 -0.27
N SER A 135 6.25 11.24 -1.53
CA SER A 135 7.00 11.81 -2.67
C SER A 135 8.47 11.47 -2.62
N LEU A 136 8.77 10.30 -2.08
CA LEU A 136 10.13 9.78 -2.04
C LEU A 136 10.36 8.69 -3.11
N GLY A 137 9.28 8.10 -3.60
CA GLY A 137 9.34 7.13 -4.67
C GLY A 137 8.39 7.50 -5.79
N PRO A 138 8.32 6.64 -6.82
CA PRO A 138 7.35 6.78 -7.91
C PRO A 138 5.90 6.64 -7.45
N LYS A 139 5.00 7.42 -8.04
CA LYS A 139 3.57 7.28 -7.67
C LYS A 139 3.09 5.85 -7.93
N LEU A 140 2.18 5.37 -7.08
CA LEU A 140 1.48 4.09 -7.31
C LEU A 140 0.09 4.35 -7.93
N TYR A 141 -0.09 3.82 -9.14
CA TYR A 141 -1.35 3.94 -9.92
C TYR A 141 -2.22 2.70 -9.86
N GLY A 142 -1.58 1.54 -9.71
CA GLY A 142 -2.31 0.31 -9.55
C GLY A 142 -1.55 -0.82 -8.89
N ILE A 143 -2.28 -1.65 -8.17
CA ILE A 143 -1.67 -2.76 -7.47
C ILE A 143 -2.56 -3.98 -7.63
N PHE A 144 -1.97 -5.10 -7.95
CA PHE A 144 -2.73 -6.27 -8.23
C PHE A 144 -1.81 -7.48 -8.07
N PRO A 145 -2.40 -8.68 -7.93
CA PRO A 145 -1.62 -9.87 -7.66
C PRO A 145 -0.41 -10.09 -8.56
N GLN A 146 -0.54 -9.73 -9.82
CA GLN A 146 0.50 -10.03 -10.81
C GLN A 146 1.60 -8.98 -10.91
N GLY A 147 1.37 -7.79 -10.33
CA GLY A 147 2.28 -6.66 -10.53
C GLY A 147 1.75 -5.29 -10.10
N ARG A 148 2.42 -4.23 -10.56
CA ARG A 148 2.05 -2.85 -10.26
C ARG A 148 2.10 -1.97 -11.47
N LEU A 149 1.33 -0.91 -11.40
CA LEU A 149 1.46 0.19 -12.34
C LEU A 149 2.03 1.34 -11.60
N GLU A 150 3.14 1.87 -12.10
CA GLU A 150 3.91 2.92 -11.41
C GLU A 150 4.18 4.10 -12.29
N GLN A 151 4.58 5.17 -11.66
CA GLN A 151 4.99 6.35 -12.38
C GLN A 151 6.13 6.03 -13.28
N PHE A 152 6.12 6.60 -14.48
CA PHE A 152 7.27 6.51 -15.35
C PHE A 152 8.08 7.76 -15.12
N ILE A 153 9.34 7.57 -14.71
CA ILE A 153 10.22 8.67 -14.37
C ILE A 153 11.24 8.75 -15.48
N PRO A 154 11.13 9.80 -16.33
CA PRO A 154 12.19 10.04 -17.32
C PRO A 154 13.52 10.33 -16.60
N SER A 155 14.51 9.49 -16.89
CA SER A 155 15.72 9.40 -16.07
C SER A 155 16.59 8.33 -16.66
N ARG A 156 17.80 8.21 -16.13
CA ARG A 156 18.59 7.01 -16.33
C ARG A 156 19.19 6.67 -14.96
N ARG A 157 19.69 5.46 -14.85
CA ARG A 157 20.42 5.04 -13.67
C ARG A 157 21.84 5.66 -13.75
N LEU A 158 22.41 5.96 -12.59
CA LEU A 158 23.78 6.26 -12.53
C LEU A 158 24.60 5.04 -12.91
N ASP A 159 25.78 5.31 -13.47
CA ASP A 159 26.86 4.34 -13.62
C ASP A 159 27.63 4.26 -12.30
N THR A 160 28.37 3.18 -12.14
CA THR A 160 29.21 2.94 -10.95
C THR A 160 30.21 4.07 -10.67
N GLU A 161 30.79 4.58 -11.77
CA GLU A 161 31.84 5.61 -11.76
C GLU A 161 31.32 6.94 -11.27
N GLU A 162 30.03 7.18 -11.45
CA GLU A 162 29.38 8.42 -11.02
C GLU A 162 29.12 8.47 -9.51
N LEU A 163 29.29 7.33 -8.83
CA LEU A 163 29.08 7.28 -7.39
C LEU A 163 30.13 8.11 -6.64
N SER A 164 31.31 8.27 -7.23
CA SER A 164 32.44 9.00 -6.60
C SER A 164 32.42 10.50 -6.93
N LEU A 165 31.53 10.93 -7.80
CA LEU A 165 31.45 12.31 -8.16
C LEU A 165 30.94 13.01 -6.90
N PRO A 166 31.66 14.08 -6.45
CA PRO A 166 31.40 14.67 -5.14
C PRO A 166 29.98 15.21 -4.97
N ASP A 167 29.41 15.85 -5.99
CA ASP A 167 28.07 16.40 -5.85
C ASP A 167 27.02 15.30 -5.86
N ILE A 168 27.28 14.26 -6.62
CA ILE A 168 26.43 13.04 -6.62
C ILE A 168 26.45 12.39 -5.24
N SER A 169 27.66 11.99 -4.78
CA SER A 169 27.88 11.42 -3.43
C SER A 169 27.22 12.20 -2.29
N ALA A 170 27.39 13.52 -2.32
CA ALA A 170 26.86 14.39 -1.30
C ALA A 170 25.34 14.27 -1.30
N GLU A 171 24.74 14.37 -2.49
CA GLU A 171 23.28 14.18 -2.61
C GLU A 171 22.80 12.74 -2.25
N ILE A 172 23.57 11.70 -2.60
CA ILE A 172 23.18 10.36 -2.14
C ILE A 172 23.20 10.40 -0.63
N ALA A 173 24.27 10.98 -0.04
CA ALA A 173 24.38 11.12 1.45
C ALA A 173 23.11 11.67 2.08
N GLU A 174 22.61 12.73 1.46
CA GLU A 174 21.46 13.50 1.94
C GLU A 174 20.14 12.74 1.81
N LYS A 175 19.92 12.13 0.62
CA LYS A 175 18.74 11.31 0.36
C LYS A 175 18.71 10.14 1.30
N MET A 176 19.87 9.51 1.51
CA MET A 176 19.95 8.42 2.48
C MET A 176 19.60 8.87 3.92
N ALA A 177 20.16 10.01 4.36
CA ALA A 177 19.87 10.56 5.68
C ALA A 177 18.39 10.78 5.88
N THR A 178 17.77 11.42 4.88
CA THR A 178 16.31 11.62 4.82
C THR A 178 15.59 10.31 4.98
N PHE A 179 15.90 9.34 4.10
CA PHE A 179 15.35 7.99 4.17
C PHE A 179 15.44 7.38 5.61
N HIS A 180 16.60 7.54 6.26
CA HIS A 180 16.83 7.01 7.62
C HIS A 180 16.00 7.69 8.70
N GLY A 181 15.63 8.93 8.44
CA GLY A 181 14.78 9.70 9.31
C GLY A 181 13.30 9.34 9.28
N MET A 182 12.83 8.52 8.35
CA MET A 182 11.38 8.34 8.35
C MET A 182 10.89 7.22 9.24
N LYS A 183 9.69 7.46 9.76
CA LYS A 183 8.94 6.49 10.51
C LYS A 183 8.23 5.58 9.51
N MET A 184 8.27 4.29 9.77
CA MET A 184 7.64 3.28 8.93
C MET A 184 7.01 2.22 9.82
N PRO A 185 5.84 1.71 9.43
CA PRO A 185 5.08 0.82 10.30
C PRO A 185 5.61 -0.62 10.32
N PHE A 186 6.93 -0.77 10.37
CA PHE A 186 7.52 -2.09 10.40
C PHE A 186 8.29 -2.30 11.68
N ASN A 187 8.81 -3.52 11.83
CA ASN A 187 9.51 -3.89 13.03
C ASN A 187 10.81 -3.10 13.23
N LYS A 188 10.96 -2.49 14.40
CA LYS A 188 12.10 -1.62 14.64
C LYS A 188 13.33 -2.33 15.24
N GLU A 189 13.18 -3.63 15.56
CA GLU A 189 14.29 -4.47 16.07
C GLU A 189 15.18 -4.90 14.94
N PRO A 190 16.50 -4.74 15.08
CA PRO A 190 17.42 -4.91 13.95
C PRO A 190 17.80 -6.38 13.70
N LYS A 191 16.81 -7.18 13.31
CA LYS A 191 16.99 -8.64 13.09
C LYS A 191 17.28 -9.00 11.61
N TRP A 192 17.12 -8.03 10.72
CA TRP A 192 17.23 -8.27 9.27
C TRP A 192 18.63 -8.74 8.87
N LEU A 193 19.67 -8.11 9.41
CA LEU A 193 21.03 -8.31 8.90
C LEU A 193 21.54 -9.71 9.20
N PHE A 194 21.61 -10.07 10.47
CA PHE A 194 22.06 -11.42 10.86
C PHE A 194 20.98 -12.45 10.70
N GLY A 195 19.72 -12.02 10.76
CA GLY A 195 18.62 -12.89 10.40
C GLY A 195 18.83 -13.36 8.98
N THR A 196 18.87 -12.41 8.04
CA THR A 196 19.05 -12.71 6.61
C THR A 196 20.30 -13.51 6.37
N MET A 197 21.40 -13.17 7.05
CA MET A 197 22.67 -13.90 6.85
C MET A 197 22.58 -15.33 7.36
N GLU A 198 22.04 -15.50 8.56
CA GLU A 198 21.80 -16.86 9.09
C GLU A 198 21.01 -17.69 8.07
N LYS A 199 19.91 -17.12 7.56
CA LYS A 199 19.04 -17.81 6.59
C LYS A 199 19.81 -18.25 5.37
N TYR A 200 20.65 -17.38 4.80
CA TYR A 200 21.41 -17.75 3.59
C TYR A 200 22.50 -18.79 3.87
N LEU A 201 23.06 -18.77 5.08
CA LEU A 201 24.15 -19.67 5.42
C LEU A 201 23.62 -21.08 5.48
N LYS A 202 22.46 -21.24 6.14
CA LYS A 202 21.76 -22.53 6.23
C LYS A 202 21.53 -23.11 4.83
N GLU A 203 21.01 -22.30 3.91
CA GLU A 203 20.72 -22.78 2.54
C GLU A 203 22.04 -23.12 1.79
N VAL A 204 23.08 -22.28 1.99
CA VAL A 204 24.43 -22.47 1.40
C VAL A 204 25.05 -23.79 1.87
N LEU A 205 24.89 -24.09 3.14
CA LEU A 205 25.40 -25.32 3.72
C LEU A 205 24.72 -26.61 3.12
N ARG A 206 23.48 -26.49 2.63
CA ARG A 206 22.70 -27.63 2.08
C ARG A 206 22.81 -27.74 0.54
N ILE A 207 23.52 -26.83 -0.11
CA ILE A 207 23.67 -26.87 -1.59
C ILE A 207 24.55 -28.04 -2.06
N LYS A 208 24.02 -28.82 -3.00
CA LYS A 208 24.81 -29.81 -3.73
C LYS A 208 24.79 -29.39 -5.19
N PHE A 209 25.94 -28.96 -5.72
CA PHE A 209 26.02 -28.65 -7.14
C PHE A 209 26.35 -29.90 -7.94
N THR A 210 25.97 -29.89 -9.23
CA THR A 210 26.24 -31.03 -10.10
C THR A 210 27.32 -30.75 -11.15
N GLU A 211 27.48 -29.49 -11.54
CA GLU A 211 28.51 -29.16 -12.54
C GLU A 211 29.87 -28.84 -11.87
N GLU A 212 30.97 -29.27 -12.51
CA GLU A 212 32.32 -29.25 -11.91
C GLU A 212 32.74 -27.85 -11.42
N SER A 213 32.83 -26.89 -12.35
CA SER A 213 33.30 -25.51 -12.04
C SER A 213 32.54 -24.84 -10.89
N ARG A 214 31.26 -25.16 -10.75
CA ARG A 214 30.45 -24.72 -9.62
C ARG A 214 30.82 -25.43 -8.30
N ILE A 215 30.98 -26.75 -8.37
CA ILE A 215 31.37 -27.54 -7.21
C ILE A 215 32.76 -27.11 -6.73
N LYS A 216 33.67 -26.77 -7.67
CA LYS A 216 35.01 -26.24 -7.36
C LYS A 216 34.97 -24.94 -6.51
N LYS A 217 34.29 -23.93 -7.06
CA LYS A 217 33.99 -22.65 -6.37
C LYS A 217 33.34 -22.77 -5.02
N LEU A 218 32.38 -23.68 -4.89
CA LEU A 218 31.65 -23.78 -3.63
C LEU A 218 32.60 -24.29 -2.57
N HIS A 219 33.51 -25.18 -2.99
CA HIS A 219 34.41 -25.84 -2.05
C HIS A 219 35.37 -24.82 -1.45
N LYS A 220 35.94 -23.96 -2.30
CA LYS A 220 36.84 -22.89 -1.87
C LYS A 220 36.19 -21.95 -0.89
N LEU A 221 34.94 -21.59 -1.17
CA LEU A 221 34.24 -20.65 -0.31
C LEU A 221 33.91 -21.33 0.99
N LEU A 222 33.43 -22.56 0.91
CA LEU A 222 33.17 -23.36 2.12
C LEU A 222 34.45 -23.52 2.97
N SER A 223 35.62 -23.55 2.30
CA SER A 223 36.94 -23.78 2.96
C SER A 223 37.31 -22.72 4.03
N TYR A 224 36.63 -21.56 4.01
CA TYR A 224 36.90 -20.46 4.94
C TYR A 224 36.23 -20.65 6.31
N ASN A 225 35.35 -21.65 6.43
CA ASN A 225 34.50 -21.88 7.63
C ASN A 225 33.59 -20.67 7.86
N LEU A 226 32.55 -20.59 7.04
CA LEU A 226 31.69 -19.43 7.01
C LEU A 226 30.91 -19.36 8.30
N PRO A 227 30.47 -20.51 8.84
CA PRO A 227 29.74 -20.42 10.09
C PRO A 227 30.59 -19.83 11.18
N LEU A 228 31.89 -20.16 11.17
CA LEU A 228 32.78 -19.63 12.20
C LEU A 228 33.01 -18.16 11.90
N GLU A 229 33.37 -17.88 10.65
CA GLU A 229 33.59 -16.52 10.24
C GLU A 229 32.37 -15.65 10.51
N LEU A 230 31.17 -16.23 10.44
CA LEU A 230 29.96 -15.44 10.71
C LEU A 230 29.94 -15.00 12.15
N GLU A 231 30.40 -15.88 13.04
CA GLU A 231 30.39 -15.61 14.49
C GLU A 231 31.38 -14.50 14.89
N ASN A 232 32.58 -14.54 14.32
CA ASN A 232 33.53 -13.45 14.48
C ASN A 232 32.92 -12.13 13.97
N LEU A 233 32.26 -12.16 12.80
CA LEU A 233 31.65 -10.95 12.22
C LEU A 233 30.61 -10.44 13.18
N ARG A 234 29.81 -11.35 13.72
CA ARG A 234 28.76 -10.97 14.65
C ARG A 234 29.32 -10.31 15.91
N SER A 235 30.45 -10.85 16.35
CA SER A 235 31.13 -10.36 17.54
C SER A 235 31.78 -8.98 17.28
N LEU A 236 32.38 -8.80 16.11
CA LEU A 236 32.86 -7.48 15.72
C LEU A 236 31.75 -6.44 15.79
N LEU A 237 30.64 -6.73 15.12
CA LEU A 237 29.61 -5.72 14.99
C LEU A 237 28.77 -5.59 16.25
N GLU A 238 28.76 -6.63 17.09
CA GLU A 238 28.07 -6.59 18.40
C GLU A 238 28.57 -5.39 19.17
N SER A 239 29.89 -5.19 19.12
CA SER A 239 30.54 -4.12 19.88
C SER A 239 30.74 -2.80 19.08
N THR A 240 30.13 -2.68 17.90
CA THR A 240 30.21 -1.49 17.06
C THR A 240 28.86 -0.78 17.08
N PRO A 241 28.69 0.24 17.94
CA PRO A 241 27.40 0.95 17.94
C PRO A 241 27.04 1.55 16.59
N SER A 242 25.79 1.29 16.19
CA SER A 242 25.19 1.88 14.98
C SER A 242 23.70 2.07 15.22
N PRO A 243 23.19 3.30 15.02
CA PRO A 243 21.75 3.53 15.17
C PRO A 243 20.91 2.72 14.22
N VAL A 244 19.84 2.12 14.74
CA VAL A 244 18.87 1.35 13.94
C VAL A 244 17.91 2.36 13.33
N VAL A 245 17.86 2.36 11.99
CA VAL A 245 17.08 3.34 11.21
C VAL A 245 16.44 2.59 10.05
N PHE A 246 15.53 3.26 9.34
CA PHE A 246 14.87 2.61 8.23
C PHE A 246 15.82 2.68 7.04
N CYS A 247 16.38 1.53 6.63
CA CYS A 247 17.45 1.50 5.63
C CYS A 247 16.95 1.00 4.29
N HIS A 248 17.53 1.51 3.21
CA HIS A 248 17.26 1.00 1.87
C HIS A 248 17.85 -0.43 1.65
N ASN A 249 19.04 -0.65 2.23
CA ASN A 249 19.84 -1.88 2.18
C ASN A 249 20.43 -2.31 0.84
N ASP A 250 20.27 -1.50 -0.21
CA ASP A 250 20.78 -1.84 -1.55
C ASP A 250 20.97 -0.52 -2.30
N CYS A 251 21.54 0.46 -1.60
CA CYS A 251 21.71 1.75 -2.17
C CYS A 251 22.91 1.76 -3.12
N GLN A 252 22.61 1.46 -4.39
CA GLN A 252 23.62 1.29 -5.42
C GLN A 252 23.23 2.11 -6.63
N GLU A 253 24.12 2.16 -7.62
CA GLU A 253 23.92 2.98 -8.82
C GLU A 253 22.71 2.50 -9.61
N GLY A 254 22.44 1.20 -9.58
CA GLY A 254 21.25 0.64 -10.25
C GLY A 254 19.92 1.05 -9.65
N ASN A 255 19.96 1.67 -8.46
CA ASN A 255 18.76 2.05 -7.74
C ASN A 255 18.74 3.52 -7.44
N ILE A 256 19.51 4.28 -8.22
CA ILE A 256 19.52 5.73 -8.11
C ILE A 256 19.31 6.29 -9.49
N LEU A 257 18.22 7.04 -9.63
CA LEU A 257 17.84 7.64 -10.87
C LEU A 257 18.40 9.06 -10.91
N LEU A 258 19.12 9.33 -12.00
CA LEU A 258 19.48 10.66 -12.45
C LEU A 258 18.26 11.23 -13.24
N LEU A 259 17.54 12.14 -12.60
CA LEU A 259 16.28 12.64 -13.12
C LEU A 259 16.50 13.61 -14.29
N GLU A 260 15.80 13.33 -15.39
CA GLU A 260 15.82 14.16 -16.59
C GLU A 260 15.39 15.64 -16.32
N GLY A 261 16.08 16.56 -16.99
CA GLY A 261 15.92 18.00 -16.75
C GLY A 261 16.96 18.51 -15.77
N ARG A 262 17.02 17.86 -14.60
CA ARG A 262 17.73 18.40 -13.42
C ARG A 262 19.24 18.07 -13.39
N GLU A 263 19.83 17.73 -14.55
CA GLU A 263 21.30 17.46 -14.61
C GLU A 263 22.19 18.72 -14.35
N ASN A 264 21.63 19.92 -14.56
CA ASN A 264 22.26 21.18 -14.15
C ASN A 264 22.15 21.43 -12.63
N SER A 265 21.14 20.85 -11.96
CA SER A 265 20.95 20.99 -10.48
C SER A 265 22.00 20.24 -9.63
N GLU A 266 22.53 20.91 -8.61
CA GLU A 266 23.68 20.41 -7.81
C GLU A 266 23.27 19.38 -6.72
N LYS A 267 22.17 19.65 -6.02
CA LYS A 267 21.72 18.86 -4.85
C LYS A 267 20.38 18.13 -5.03
N GLN A 268 19.73 18.26 -6.20
CA GLN A 268 18.34 17.79 -6.38
C GLN A 268 18.09 17.03 -7.71
N LYS A 269 19.05 16.23 -8.13
CA LYS A 269 18.94 15.55 -9.41
C LYS A 269 18.72 14.03 -9.28
N LEU A 270 18.38 13.56 -8.08
CA LEU A 270 18.36 12.10 -7.81
C LEU A 270 17.14 11.59 -7.04
N MET A 271 16.92 10.28 -7.15
CA MET A 271 15.85 9.58 -6.48
C MET A 271 16.28 8.14 -6.28
N LEU A 272 16.17 7.69 -5.03
CA LEU A 272 16.40 6.31 -4.65
C LEU A 272 15.14 5.54 -4.96
N ILE A 273 15.29 4.36 -5.55
CA ILE A 273 14.17 3.48 -5.94
C ILE A 273 14.52 2.05 -5.58
N ASP A 274 13.59 1.13 -5.77
CA ASP A 274 13.78 -0.31 -5.58
C ASP A 274 14.13 -0.66 -4.11
N PHE A 275 13.07 -0.66 -3.32
CA PHE A 275 13.13 -0.79 -1.88
C PHE A 275 12.82 -2.21 -1.39
N GLU A 276 12.93 -3.22 -2.26
CA GLU A 276 12.60 -4.56 -1.85
C GLU A 276 13.37 -5.09 -0.64
N TYR A 277 14.62 -4.65 -0.44
CA TYR A 277 15.43 -5.11 0.73
C TYR A 277 15.31 -4.22 1.97
N SER A 278 14.59 -3.12 1.85
CA SER A 278 14.54 -2.11 2.86
C SER A 278 13.95 -2.64 4.15
N SER A 279 14.42 -2.08 5.26
CA SER A 279 13.98 -2.50 6.59
C SER A 279 14.73 -1.71 7.62
N TYR A 280 14.27 -1.77 8.85
CA TYR A 280 15.02 -1.25 9.95
C TYR A 280 16.27 -2.07 10.12
N ASN A 281 17.38 -1.36 10.19
CA ASN A 281 18.69 -2.00 10.15
C ASN A 281 19.69 -0.98 10.65
N TYR A 282 20.87 -1.45 11.03
CA TYR A 282 21.96 -0.58 11.49
C TYR A 282 22.33 0.35 10.37
N ARG A 283 22.34 1.66 10.66
CA ARG A 283 22.75 2.66 9.66
C ARG A 283 24.08 2.32 8.97
N GLY A 284 25.02 1.76 9.73
CA GLY A 284 26.33 1.45 9.20
C GLY A 284 26.29 0.52 8.02
N PHE A 285 25.31 -0.37 8.02
CA PHE A 285 25.20 -1.31 6.92
C PHE A 285 24.79 -0.56 5.66
N ASP A 286 23.92 0.42 5.80
CA ASP A 286 23.38 1.10 4.62
C ASP A 286 24.48 1.94 3.93
N ILE A 287 25.27 2.64 4.75
CA ILE A 287 26.39 3.44 4.30
C ILE A 287 27.54 2.53 3.87
N GLY A 288 27.93 1.60 4.71
CA GLY A 288 28.94 0.61 4.31
C GLY A 288 28.62 -0.14 3.02
N ASN A 289 27.38 -0.56 2.86
CA ASN A 289 26.95 -1.28 1.64
C ASN A 289 27.08 -0.39 0.41
N HIS A 290 26.72 0.89 0.58
CA HIS A 290 26.88 1.87 -0.50
C HIS A 290 28.35 2.04 -0.92
N PHE A 291 29.24 2.16 0.08
CA PHE A 291 30.66 2.28 -0.17
C PHE A 291 31.20 1.07 -0.93
N CYS A 292 30.76 -0.12 -0.53
CA CYS A 292 31.19 -1.32 -1.24
C CYS A 292 30.77 -1.22 -2.68
N GLU A 293 29.59 -0.66 -2.92
CA GLU A 293 29.04 -0.60 -4.30
C GLU A 293 29.85 0.22 -5.28
N TRP A 294 30.67 1.15 -4.77
CA TRP A 294 31.65 1.84 -5.64
C TRP A 294 32.58 0.82 -6.37
N MET A 295 32.75 -0.36 -5.77
CA MET A 295 33.72 -1.35 -6.29
C MET A 295 33.10 -2.32 -7.31
N TYR A 296 31.76 -2.36 -7.38
CA TYR A 296 31.01 -3.35 -8.22
C TYR A 296 30.24 -2.73 -9.38
N ASP A 297 30.60 -3.21 -10.58
CA ASP A 297 29.99 -2.76 -11.83
C ASP A 297 29.24 -3.95 -12.43
N TYR A 298 27.89 -3.88 -12.35
CA TYR A 298 27.00 -4.98 -12.77
C TYR A 298 26.55 -4.82 -14.23
N SER A 299 27.26 -3.99 -14.99
CA SER A 299 26.90 -3.73 -16.37
C SER A 299 27.94 -4.28 -17.34
N TYR A 300 28.91 -5.04 -16.83
CA TYR A 300 29.91 -5.65 -17.69
C TYR A 300 29.20 -6.68 -18.59
N GLU A 301 29.67 -6.77 -19.85
CA GLU A 301 28.90 -7.40 -20.96
C GLU A 301 29.33 -8.83 -21.24
N LYS A 302 30.58 -9.17 -20.94
CA LYS A 302 31.04 -10.55 -21.01
C LYS A 302 30.87 -11.17 -19.63
N TYR A 303 30.74 -12.50 -19.59
CA TYR A 303 30.72 -13.27 -18.34
C TYR A 303 31.89 -12.90 -17.45
N PRO A 304 31.70 -12.88 -16.10
CA PRO A 304 30.55 -13.17 -15.23
C PRO A 304 29.51 -12.06 -15.16
N PHE A 305 29.61 -11.09 -16.05
CA PHE A 305 28.67 -9.97 -16.18
C PHE A 305 28.71 -8.96 -14.99
N PHE A 306 29.87 -8.92 -14.31
CA PHE A 306 30.22 -7.83 -13.40
C PHE A 306 31.74 -7.70 -13.44
N ARG A 307 32.26 -6.53 -13.06
CA ARG A 307 33.70 -6.37 -12.67
C ARG A 307 33.78 -5.80 -11.22
N ALA A 308 34.64 -6.41 -10.41
CA ALA A 308 34.94 -5.94 -9.06
C ALA A 308 36.33 -5.27 -9.07
N ASN A 309 36.42 -4.05 -8.54
CA ASN A 309 37.71 -3.39 -8.39
C ASN A 309 37.93 -2.85 -6.98
N ILE A 310 38.77 -3.56 -6.21
CA ILE A 310 39.01 -3.22 -4.81
C ILE A 310 39.51 -1.78 -4.66
N ARG A 311 40.25 -1.28 -5.65
CA ARG A 311 40.86 0.07 -5.59
C ARG A 311 39.88 1.20 -5.68
N LYS A 312 38.62 0.86 -6.01
CA LYS A 312 37.61 1.88 -6.29
C LYS A 312 36.76 2.19 -5.05
N TYR A 313 37.01 1.46 -3.95
CA TYR A 313 36.41 1.78 -2.65
C TYR A 313 36.77 3.19 -2.30
N PRO A 314 35.85 3.95 -1.72
CA PRO A 314 36.16 5.35 -1.49
C PRO A 314 37.36 5.51 -0.57
N THR A 315 38.16 6.54 -0.83
CA THR A 315 39.22 6.97 0.09
C THR A 315 38.59 7.53 1.35
N LYS A 316 39.40 7.68 2.40
CA LYS A 316 38.95 8.33 3.63
C LYS A 316 38.46 9.72 3.34
N LYS A 317 39.16 10.40 2.44
CA LYS A 317 38.76 11.73 2.03
C LYS A 317 37.33 11.66 1.45
N GLN A 318 37.10 10.70 0.57
CA GLN A 318 35.80 10.47 -0.03
C GLN A 318 34.74 10.03 1.00
N GLN A 319 35.10 9.12 1.91
CA GLN A 319 34.15 8.69 2.91
C GLN A 319 33.75 9.86 3.78
N LEU A 320 34.73 10.66 4.14
CA LEU A 320 34.48 11.86 4.97
C LEU A 320 33.59 12.87 4.27
N HIS A 321 33.75 13.01 2.96
CA HIS A 321 32.91 13.93 2.19
C HIS A 321 31.43 13.47 2.21
N PHE A 322 31.23 12.15 2.15
CA PHE A 322 29.90 11.52 2.26
C PHE A 322 29.30 11.75 3.65
N ILE A 323 30.03 11.34 4.68
CA ILE A 323 29.43 11.41 6.00
C ILE A 323 29.24 12.88 6.46
N SER A 324 29.99 13.81 5.87
CA SER A 324 29.91 15.24 6.17
C SER A 324 28.64 15.86 5.57
N SER A 325 28.14 15.32 4.46
CA SER A 325 26.78 15.64 3.95
C SER A 325 25.68 14.93 4.75
N TYR A 326 25.92 13.66 5.05
CA TYR A 326 24.95 12.86 5.79
C TYR A 326 24.60 13.42 7.17
N LEU A 327 25.62 13.88 7.91
CA LEU A 327 25.45 14.15 9.36
C LEU A 327 24.61 15.40 9.67
N PRO A 328 24.81 16.49 8.93
CA PRO A 328 23.92 17.63 9.13
C PRO A 328 22.52 17.41 8.53
N ALA A 329 22.45 16.63 7.45
CA ALA A 329 21.15 16.18 6.89
C ALA A 329 20.36 15.35 7.90
N PHE A 330 21.05 14.50 8.64
CA PHE A 330 20.39 13.59 9.57
C PHE A 330 20.09 14.27 10.91
N GLN A 331 21.05 15.04 11.42
CA GLN A 331 20.86 15.88 12.61
C GLN A 331 21.55 17.22 12.41
N ASP A 333 21.49 20.85 12.59
CA ASP A 333 21.81 20.83 14.01
C ASP A 333 23.30 20.48 14.31
N PHE A 334 23.79 19.50 13.57
CA PHE A 334 25.10 18.95 13.77
C PHE A 334 26.17 20.02 13.48
N GLU A 335 25.88 20.93 12.53
CA GLU A 335 26.84 21.97 12.17
C GLU A 335 27.15 22.88 13.39
N ASN A 336 26.25 22.87 14.39
CA ASN A 336 26.41 23.68 15.66
C ASN A 336 27.37 23.11 16.74
N LEU A 337 27.79 21.86 16.59
CA LEU A 337 28.75 21.22 17.51
C LEU A 337 30.17 21.76 17.29
N SER A 338 31.04 21.55 18.28
CA SER A 338 32.47 21.95 18.19
C SER A 338 33.18 21.10 17.15
N THR A 339 34.12 21.68 16.44
CA THR A 339 34.88 20.93 15.44
C THR A 339 35.69 19.76 16.06
N GLU A 340 35.90 19.79 17.38
CA GLU A 340 36.50 18.65 18.08
C GLU A 340 35.48 17.54 18.30
N GLU A 341 34.23 17.92 18.51
CA GLU A 341 33.16 16.93 18.70
C GLU A 341 32.71 16.39 17.36
N LYS A 342 32.60 17.26 16.38
CA LYS A 342 32.28 16.84 15.03
C LYS A 342 33.31 15.83 14.47
N SER A 343 34.59 16.03 14.73
CA SER A 343 35.62 15.06 14.30
C SER A 343 35.52 13.75 15.04
N ILE A 344 35.33 13.83 16.36
CA ILE A 344 35.08 12.62 17.18
C ILE A 344 33.92 11.82 16.61
N ILE A 345 32.80 12.48 16.34
CA ILE A 345 31.65 11.78 15.75
C ILE A 345 31.95 11.18 14.34
N LYS A 346 32.48 12.00 13.46
CA LYS A 346 32.87 11.56 12.13
C LYS A 346 33.82 10.38 12.15
N GLU A 347 34.86 10.45 12.97
CA GLU A 347 35.87 9.40 13.00
C GLU A 347 35.30 8.08 13.49
N GLU A 348 34.43 8.15 14.49
CA GLU A 348 33.78 6.94 14.98
C GLU A 348 32.86 6.34 13.90
N MET A 349 32.09 7.20 13.23
CA MET A 349 31.24 6.78 12.09
C MET A 349 32.00 6.05 10.97
N LEU A 350 33.18 6.53 10.63
CA LEU A 350 34.02 5.89 9.61
C LEU A 350 34.36 4.46 9.97
N LEU A 351 34.77 4.25 11.21
CA LEU A 351 35.05 2.90 11.71
C LEU A 351 33.76 2.02 11.69
N GLU A 352 32.69 2.59 12.24
CA GLU A 352 31.38 2.01 12.19
C GLU A 352 31.03 1.51 10.79
N VAL A 353 31.08 2.41 9.79
CA VAL A 353 30.57 2.08 8.45
C VAL A 353 31.51 1.11 7.72
N ASN A 354 32.82 1.23 7.98
CA ASN A 354 33.81 0.31 7.38
C ASN A 354 33.72 -1.08 8.00
N ARG A 355 33.26 -1.13 9.24
CA ARG A 355 33.04 -2.42 9.87
C ARG A 355 31.75 -3.10 9.39
N PHE A 356 30.73 -2.29 9.20
CA PHE A 356 29.47 -2.79 8.66
C PHE A 356 29.60 -3.08 7.15
N ALA A 357 30.47 -2.35 6.45
CA ALA A 357 30.93 -2.78 5.11
C ALA A 357 31.21 -4.28 5.00
N LEU A 358 31.83 -4.86 6.03
CA LEU A 358 32.14 -6.31 6.05
C LEU A 358 30.89 -7.17 6.00
N ALA A 359 29.78 -6.66 6.59
CA ALA A 359 28.47 -7.37 6.57
C ALA A 359 27.87 -7.34 5.16
N SER A 360 28.21 -6.30 4.40
CA SER A 360 27.77 -6.16 3.00
C SER A 360 28.43 -7.23 2.16
N HIS A 361 29.73 -7.37 2.33
CA HIS A 361 30.44 -8.49 1.68
C HIS A 361 29.92 -9.90 2.05
N PHE A 362 29.63 -10.10 3.34
CA PHE A 362 29.29 -11.45 3.84
C PHE A 362 27.88 -11.79 3.41
N LEU A 363 26.97 -10.83 3.56
CA LEU A 363 25.55 -11.04 3.20
C LEU A 363 25.38 -11.28 1.73
N TRP A 364 25.89 -10.38 0.89
CA TRP A 364 25.69 -10.49 -0.54
C TRP A 364 26.56 -11.56 -1.17
N GLY A 365 27.65 -11.92 -0.50
CA GLY A 365 28.41 -13.13 -0.86
C GLY A 365 27.59 -14.39 -0.61
N LEU A 366 26.96 -14.50 0.57
CA LEU A 366 26.06 -15.64 0.87
C LEU A 366 24.85 -15.68 -0.05
N TRP A 367 24.24 -14.53 -0.22
CA TRP A 367 23.13 -14.37 -1.15
C TRP A 367 23.47 -14.90 -2.55
N SER A 368 24.64 -14.53 -3.05
CA SER A 368 25.06 -14.88 -4.40
C SER A 368 25.27 -16.38 -4.59
N ILE A 369 25.60 -17.09 -3.52
CA ILE A 369 25.79 -18.55 -3.58
C ILE A 369 24.42 -19.24 -3.69
N VAL A 370 23.47 -18.77 -2.88
CA VAL A 370 22.08 -19.21 -2.97
C VAL A 370 21.54 -18.98 -4.41
N GLN A 371 21.79 -17.80 -4.97
CA GLN A 371 21.32 -17.49 -6.32
C GLN A 371 21.91 -18.40 -7.36
N ALA A 372 23.18 -18.79 -7.21
CA ALA A 372 23.81 -19.74 -8.15
C ALA A 372 23.05 -21.08 -8.24
N LYS A 373 22.33 -21.41 -7.17
CA LYS A 373 21.54 -22.63 -7.12
C LYS A 373 20.10 -22.40 -7.70
N ILE A 374 19.40 -21.42 -7.15
CA ILE A 374 17.97 -21.24 -7.38
C ILE A 374 17.61 -20.32 -8.55
N SER A 375 18.56 -19.47 -8.99
CA SER A 375 18.30 -18.51 -10.05
C SER A 375 18.79 -19.10 -11.35
N SER A 376 18.14 -18.70 -12.44
CA SER A 376 18.50 -19.15 -13.81
C SER A 376 18.88 -17.93 -14.65
N ILE A 377 19.02 -16.78 -14.00
CA ILE A 377 19.46 -15.54 -14.66
C ILE A 377 20.92 -15.66 -15.04
N GLU A 378 21.28 -15.04 -16.16
CA GLU A 378 22.62 -15.16 -16.72
C GLU A 378 23.51 -14.17 -16.00
N PHE A 379 24.12 -14.66 -14.95
CA PHE A 379 25.05 -13.86 -14.18
C PHE A 379 26.01 -14.83 -13.51
N GLY A 380 27.28 -14.47 -13.42
CA GLY A 380 28.26 -15.31 -12.73
C GLY A 380 28.13 -15.16 -11.23
N TYR A 381 27.16 -15.85 -10.65
CA TYR A 381 26.85 -15.74 -9.23
C TYR A 381 27.96 -16.29 -8.34
N MET A 382 28.63 -17.36 -8.77
CA MET A 382 29.73 -17.91 -7.97
C MET A 382 31.00 -17.02 -7.97
N ASP A 383 31.40 -16.56 -9.15
CA ASP A 383 32.45 -15.55 -9.30
C ASP A 383 32.21 -14.31 -8.45
N TYR A 384 30.97 -13.85 -8.45
CA TYR A 384 30.58 -12.75 -7.60
C TYR A 384 30.66 -13.08 -6.08
N ALA A 385 30.36 -14.34 -5.72
CA ALA A 385 30.47 -14.79 -4.30
C ALA A 385 31.92 -14.66 -3.83
N GLN A 386 32.83 -15.16 -4.66
CA GLN A 386 34.25 -15.10 -4.39
C GLN A 386 34.71 -13.66 -4.33
N ALA A 387 34.25 -12.83 -5.24
CA ALA A 387 34.73 -11.46 -5.27
C ALA A 387 34.44 -10.76 -3.96
N ARG A 388 33.25 -10.99 -3.40
CA ARG A 388 32.83 -10.32 -2.15
C ARG A 388 33.57 -10.84 -0.97
N PHE A 389 33.87 -12.13 -1.01
CA PHE A 389 34.62 -12.77 0.07
C PHE A 389 36.11 -12.41 0.00
N ASP A 390 36.65 -12.29 -1.21
CA ASP A 390 37.95 -11.65 -1.39
C ASP A 390 37.98 -10.28 -0.72
N ALA A 391 36.95 -9.47 -0.99
CA ALA A 391 36.87 -8.10 -0.52
C ALA A 391 36.66 -8.12 0.97
N TYR A 392 36.02 -9.16 1.48
CA TYR A 392 35.73 -9.24 2.90
C TYR A 392 37.05 -9.42 3.64
N PHE A 393 37.89 -10.31 3.14
CA PHE A 393 39.14 -10.61 3.81
C PHE A 393 40.12 -9.49 3.62
N HIS A 394 40.22 -8.96 2.41
CA HIS A 394 41.01 -7.75 2.20
C HIS A 394 40.66 -6.61 3.17
N GLN A 395 39.38 -6.26 3.25
CA GLN A 395 38.90 -5.19 4.15
C GLN A 395 39.17 -5.53 5.61
N LYS A 396 39.01 -6.79 5.96
CA LYS A 396 39.20 -7.27 7.32
C LYS A 396 40.68 -7.07 7.72
N ARG A 397 41.55 -7.34 6.76
CA ARG A 397 43.02 -7.16 6.84
C ARG A 397 43.45 -5.66 6.83
N LYS A 398 42.61 -4.81 6.29
CA LYS A 398 42.82 -3.37 6.30
C LYS A 398 42.44 -2.84 7.67
N LEU A 399 41.36 -3.38 8.21
CA LEU A 399 40.97 -3.02 9.53
C LEU A 399 41.90 -3.79 10.43
N ARG B 34 1.22 -12.77 22.76
CA ARG B 34 1.67 -12.57 21.33
C ARG B 34 1.71 -11.08 20.93
N ALA B 35 0.97 -10.25 21.67
CA ALA B 35 0.76 -8.82 21.33
C ALA B 35 1.57 -7.84 22.14
N TYR B 36 2.08 -8.26 23.28
CA TYR B 36 3.03 -7.45 24.02
C TYR B 36 4.29 -7.19 23.16
N LEU B 37 4.72 -8.25 22.45
CA LEU B 37 5.93 -8.20 21.62
C LEU B 37 5.73 -7.22 20.47
N TRP B 38 4.64 -7.38 19.73
CA TRP B 38 4.24 -6.42 18.70
C TRP B 38 4.43 -4.96 19.14
N CYS B 39 4.00 -4.59 20.34
CA CYS B 39 4.24 -3.22 20.82
C CYS B 39 5.71 -2.92 21.17
N LYS B 40 6.39 -3.89 21.76
CA LYS B 40 7.79 -3.69 22.13
C LYS B 40 8.56 -3.42 20.84
N GLU B 41 8.29 -4.21 19.81
CA GLU B 41 9.09 -4.14 18.58
C GLU B 41 8.71 -2.96 17.61
N PHE B 42 7.42 -2.69 17.43
CA PHE B 42 6.96 -1.75 16.40
C PHE B 42 6.85 -0.33 16.87
N LEU B 43 6.55 -0.15 18.16
CA LEU B 43 6.36 1.19 18.72
C LEU B 43 7.65 1.73 19.34
N PRO B 44 7.96 3.02 19.11
CA PRO B 44 9.25 3.55 19.55
C PRO B 44 9.29 4.06 21.01
N ALA B 46 9.90 4.62 23.83
CA ALA B 46 9.40 4.33 25.18
C ALA B 46 8.94 2.86 25.30
N TRP B 47 8.57 2.25 24.18
CA TRP B 47 8.21 0.83 24.14
C TRP B 47 9.53 0.13 23.74
N MET B 67 -10.60 -8.83 16.59
CA MET B 67 -10.68 -8.23 17.94
C MET B 67 -9.98 -6.89 17.99
N LEU B 68 -10.26 -6.12 19.03
CA LEU B 68 -9.66 -4.81 19.18
C LEU B 68 -9.34 -4.64 20.64
N PHE B 69 -8.11 -4.21 20.92
CA PHE B 69 -7.66 -4.01 22.30
C PHE B 69 -7.13 -2.61 22.43
N GLN B 70 -6.84 -2.19 23.66
CA GLN B 70 -6.20 -0.90 23.93
C GLN B 70 -4.94 -1.12 24.82
N CYS B 71 -3.90 -0.27 24.64
CA CYS B 71 -2.57 -0.50 25.24
C CYS B 71 -1.93 0.72 25.96
N ARG B 85 1.88 6.53 23.20
CA ARG B 85 1.08 6.54 24.47
C ARG B 85 -0.05 5.44 24.63
N LYS B 86 -1.21 5.67 23.99
CA LYS B 86 -2.24 4.60 23.77
C LYS B 86 -2.30 4.21 22.26
N VAL B 87 -2.40 2.91 21.99
CA VAL B 87 -2.53 2.38 20.63
C VAL B 87 -3.69 1.42 20.62
N LEU B 88 -4.10 0.99 19.43
CA LEU B 88 -5.18 0.06 19.20
C LEU B 88 -4.58 -1.11 18.42
N LEU B 89 -4.91 -2.36 18.77
CA LEU B 89 -4.44 -3.50 17.98
C LEU B 89 -5.64 -4.18 17.36
N ARG B 90 -5.54 -4.52 16.07
CA ARG B 90 -6.62 -5.19 15.33
C ARG B 90 -6.24 -6.57 14.76
N LEU B 91 -6.79 -7.66 15.34
CA LEU B 91 -6.55 -9.03 14.86
C LEU B 91 -7.76 -9.58 14.08
N MET B 121 -5.11 -9.61 1.93
CA MET B 121 -4.96 -8.45 2.83
C MET B 121 -4.16 -7.28 2.26
N VAL B 122 -3.46 -7.53 1.14
CA VAL B 122 -2.63 -6.52 0.49
C VAL B 122 -3.41 -5.23 0.19
N LEU B 123 -4.62 -5.36 -0.34
CA LEU B 123 -5.41 -4.19 -0.71
C LEU B 123 -5.84 -3.34 0.48
N GLU B 124 -6.40 -3.98 1.50
CA GLU B 124 -6.87 -3.28 2.73
C GLU B 124 -5.73 -2.56 3.48
N SER B 125 -4.58 -3.23 3.53
CA SER B 125 -3.36 -2.70 4.17
C SER B 125 -2.85 -1.47 3.47
N VAL B 126 -2.77 -1.55 2.14
CA VAL B 126 -2.29 -0.43 1.31
C VAL B 126 -3.23 0.73 1.50
N MET B 127 -4.52 0.42 1.45
CA MET B 127 -5.58 1.41 1.59
C MET B 127 -5.50 2.14 2.91
N PHE B 128 -5.39 1.41 4.01
CA PHE B 128 -5.30 2.02 5.36
C PHE B 128 -4.02 2.86 5.46
N ALA B 129 -2.94 2.36 4.87
CA ALA B 129 -1.64 3.08 4.84
C ALA B 129 -1.79 4.41 4.13
N ILE B 130 -2.41 4.39 2.96
CA ILE B 130 -2.65 5.63 2.20
C ILE B 130 -3.53 6.62 3.00
N LEU B 131 -4.61 6.13 3.60
CA LEU B 131 -5.55 7.03 4.30
C LEU B 131 -4.89 7.60 5.52
N ALA B 132 -4.06 6.80 6.19
CA ALA B 132 -3.24 7.29 7.32
C ALA B 132 -2.27 8.39 6.86
N GLU B 133 -1.56 8.14 5.75
CA GLU B 133 -0.67 9.13 5.16
C GLU B 133 -1.33 10.47 4.88
N ARG B 134 -2.58 10.44 4.41
CA ARG B 134 -3.31 11.65 4.01
C ARG B 134 -4.14 12.24 5.16
N SER B 135 -4.00 11.70 6.36
CA SER B 135 -4.79 12.15 7.54
C SER B 135 -6.31 12.01 7.36
N LEU B 136 -6.72 11.02 6.59
CA LEU B 136 -8.12 10.70 6.45
C LEU B 136 -8.49 9.44 7.28
N GLY B 137 -7.47 8.75 7.78
CA GLY B 137 -7.66 7.59 8.63
C GLY B 137 -6.87 7.76 9.91
N PRO B 138 -6.99 6.77 10.83
CA PRO B 138 -6.13 6.64 12.00
C PRO B 138 -4.73 6.34 11.51
N LYS B 139 -3.70 6.82 12.23
CA LYS B 139 -2.30 6.57 11.89
C LYS B 139 -2.03 5.10 12.01
N LEU B 140 -1.18 4.60 11.12
CA LEU B 140 -0.78 3.20 11.14
C LEU B 140 0.63 3.14 11.75
N TYR B 141 0.77 2.44 12.87
CA TYR B 141 2.08 2.31 13.53
C TYR B 141 2.66 0.94 13.31
N GLY B 142 1.85 -0.05 13.02
CA GLY B 142 2.39 -1.39 12.88
C GLY B 142 1.57 -2.16 11.94
N ILE B 143 2.22 -2.97 11.12
CA ILE B 143 1.54 -3.87 10.24
C ILE B 143 2.29 -5.21 10.17
N PHE B 144 1.55 -6.30 10.38
CA PHE B 144 2.10 -7.64 10.42
C PHE B 144 1.04 -8.66 9.90
N PRO B 145 1.41 -9.97 9.79
CA PRO B 145 0.43 -10.93 9.26
C PRO B 145 -0.85 -11.04 10.12
N GLN B 146 -0.70 -11.15 11.44
CA GLN B 146 -1.82 -11.46 12.35
C GLN B 146 -2.62 -10.23 12.79
N GLY B 147 -2.38 -9.08 12.17
CA GLY B 147 -3.08 -7.86 12.58
C GLY B 147 -2.33 -6.59 12.31
N ARG B 148 -2.61 -5.55 13.10
CA ARG B 148 -2.00 -4.25 12.90
C ARG B 148 -2.21 -3.31 14.07
N LEU B 149 -1.25 -2.42 14.31
CA LEU B 149 -1.35 -1.42 15.36
C LEU B 149 -1.70 -0.08 14.75
N GLU B 150 -2.69 0.58 15.33
CA GLU B 150 -3.27 1.81 14.79
C GLU B 150 -3.38 2.82 15.88
N GLN B 151 -3.61 4.04 15.48
CA GLN B 151 -3.85 5.10 16.41
C GLN B 151 -5.17 4.84 17.14
N PHE B 152 -5.14 5.18 18.43
CA PHE B 152 -6.33 5.20 19.32
C PHE B 152 -6.85 6.62 19.37
N ILE B 153 -8.10 6.83 18.94
CA ILE B 153 -8.62 8.17 18.78
C ILE B 153 -9.73 8.32 19.80
N PRO B 154 -9.49 9.14 20.84
CA PRO B 154 -10.52 9.46 21.83
C PRO B 154 -11.79 9.96 21.16
N SER B 155 -12.86 9.19 21.31
CA SER B 155 -14.11 9.41 20.58
C SER B 155 -15.15 8.45 21.05
N ARG B 156 -16.31 8.57 20.44
CA ARG B 156 -17.34 7.54 20.53
C ARG B 156 -18.00 7.45 19.19
N ARG B 157 -18.59 6.32 18.89
CA ARG B 157 -19.36 6.21 17.67
C ARG B 157 -20.63 7.08 17.83
N LEU B 158 -21.13 7.60 16.71
CA LEU B 158 -22.48 8.22 16.71
C LEU B 158 -23.52 7.14 17.06
N ASP B 159 -24.69 7.60 17.48
CA ASP B 159 -25.86 6.76 17.62
C ASP B 159 -26.69 6.91 16.40
N THR B 160 -27.48 5.90 16.09
CA THR B 160 -28.38 5.93 14.93
C THR B 160 -29.17 7.23 14.83
N GLU B 161 -29.76 7.64 15.94
CA GLU B 161 -30.64 8.82 15.99
C GLU B 161 -29.90 10.14 15.63
N GLU B 162 -28.58 10.15 15.79
CA GLU B 162 -27.80 11.36 15.53
C GLU B 162 -27.56 11.65 14.06
N LEU B 163 -27.76 10.66 13.20
CA LEU B 163 -27.53 10.84 11.76
C LEU B 163 -28.41 11.95 11.20
N SER B 164 -29.54 12.18 11.84
CA SER B 164 -30.52 13.18 11.38
C SER B 164 -30.28 14.59 11.92
N LEU B 165 -29.38 14.75 12.88
CA LEU B 165 -29.03 16.10 13.33
C LEU B 165 -28.46 16.79 12.11
N PRO B 166 -29.00 17.96 11.77
CA PRO B 166 -28.58 18.68 10.56
C PRO B 166 -27.05 18.84 10.37
N ASP B 167 -26.34 19.10 11.46
CA ASP B 167 -24.92 19.39 11.44
C ASP B 167 -24.11 18.16 11.27
N ILE B 168 -24.52 17.07 11.94
CA ILE B 168 -23.93 15.75 11.71
C ILE B 168 -24.17 15.37 10.27
N SER B 169 -25.42 15.51 9.85
CA SER B 169 -25.80 15.07 8.53
C SER B 169 -25.02 15.84 7.47
N ALA B 170 -24.82 17.14 7.72
CA ALA B 170 -24.09 18.01 6.78
C ALA B 170 -22.60 17.64 6.70
N GLU B 171 -22.00 17.33 7.84
CA GLU B 171 -20.60 16.97 7.89
C GLU B 171 -20.31 15.58 7.32
N ILE B 172 -21.23 14.66 7.53
CA ILE B 172 -21.05 13.33 6.95
C ILE B 172 -21.04 13.49 5.44
N ALA B 173 -21.92 14.33 4.92
CA ALA B 173 -21.94 14.61 3.46
C ALA B 173 -20.60 15.13 2.96
N GLU B 174 -20.06 16.08 3.70
CA GLU B 174 -18.76 16.68 3.38
C GLU B 174 -17.68 15.61 3.41
N LYS B 175 -17.63 14.85 4.50
CA LYS B 175 -16.65 13.78 4.67
C LYS B 175 -16.80 12.70 3.61
N MET B 176 -18.04 12.29 3.34
CA MET B 176 -18.25 11.34 2.25
C MET B 176 -17.84 11.96 0.87
N ALA B 177 -18.23 13.20 0.60
CA ALA B 177 -17.72 13.87 -0.64
C ALA B 177 -16.19 13.78 -0.75
N THR B 178 -15.50 14.13 0.33
CA THR B 178 -14.05 14.11 0.37
C THR B 178 -13.46 12.73 0.08
N PHE B 179 -14.01 11.73 0.74
CA PHE B 179 -13.62 10.35 0.55
C PHE B 179 -13.74 9.97 -0.91
N HIS B 180 -14.82 10.43 -1.56
CA HIS B 180 -15.12 10.10 -2.98
C HIS B 180 -14.20 10.77 -3.96
N GLY B 181 -13.49 11.80 -3.50
CA GLY B 181 -12.53 12.51 -4.33
C GLY B 181 -11.14 11.89 -4.38
N MET B 182 -10.91 10.82 -3.62
CA MET B 182 -9.57 10.25 -3.55
C MET B 182 -9.26 9.34 -4.71
N LYS B 183 -8.01 9.42 -5.14
CA LYS B 183 -7.42 8.44 -6.03
C LYS B 183 -6.94 7.32 -5.17
N MET B 184 -6.98 6.10 -5.71
CA MET B 184 -6.52 4.94 -5.00
C MET B 184 -6.07 3.92 -6.02
N PRO B 185 -4.99 3.20 -5.73
CA PRO B 185 -4.37 2.31 -6.70
C PRO B 185 -5.15 1.04 -6.96
N PHE B 186 -6.48 1.18 -7.07
CA PHE B 186 -7.38 0.05 -7.18
C PHE B 186 -8.20 0.08 -8.48
N ASN B 187 -8.78 -1.06 -8.79
CA ASN B 187 -9.57 -1.18 -10.01
C ASN B 187 -10.76 -0.20 -9.99
N LYS B 188 -10.91 0.56 -11.07
CA LYS B 188 -11.93 1.62 -11.17
C LYS B 188 -13.16 1.18 -11.94
N GLU B 189 -13.09 0.00 -12.55
CA GLU B 189 -14.23 -0.64 -13.17
C GLU B 189 -15.18 -1.08 -12.02
N PRO B 190 -16.43 -0.53 -11.99
CA PRO B 190 -17.31 -0.79 -10.83
C PRO B 190 -17.87 -2.22 -10.82
N LYS B 191 -17.08 -3.15 -10.28
CA LYS B 191 -17.41 -4.57 -10.23
C LYS B 191 -18.08 -4.92 -8.90
N TRP B 192 -17.73 -4.19 -7.83
CA TRP B 192 -18.03 -4.59 -6.43
C TRP B 192 -19.51 -4.84 -6.11
N LEU B 193 -20.40 -4.01 -6.64
CA LEU B 193 -21.79 -4.01 -6.16
C LEU B 193 -22.55 -5.23 -6.61
N PHE B 194 -22.58 -5.44 -7.93
CA PHE B 194 -23.28 -6.59 -8.46
C PHE B 194 -22.49 -7.86 -8.33
N GLY B 195 -21.17 -7.72 -8.27
CA GLY B 195 -20.24 -8.82 -8.01
C GLY B 195 -20.45 -9.46 -6.66
N THR B 196 -20.62 -8.62 -5.64
CA THR B 196 -20.90 -9.09 -4.27
C THR B 196 -22.32 -9.66 -4.10
N MET B 197 -23.31 -9.06 -4.77
CA MET B 197 -24.68 -9.56 -4.73
C MET B 197 -24.80 -10.91 -5.38
N GLU B 198 -24.27 -11.05 -6.60
CA GLU B 198 -24.10 -12.35 -7.25
C GLU B 198 -23.36 -13.35 -6.36
N LYS B 199 -22.32 -12.89 -5.68
CA LYS B 199 -21.49 -13.76 -4.85
C LYS B 199 -22.33 -14.34 -3.73
N TYR B 200 -23.01 -13.46 -2.99
CA TYR B 200 -23.91 -13.88 -1.92
C TYR B 200 -25.15 -14.59 -2.43
N LEU B 201 -25.70 -14.18 -3.55
CA LEU B 201 -26.88 -14.87 -4.08
C LEU B 201 -26.58 -16.35 -4.32
N LYS B 202 -25.43 -16.62 -4.94
CA LYS B 202 -25.01 -17.96 -5.29
C LYS B 202 -24.88 -18.81 -4.05
N GLU B 203 -24.35 -18.19 -2.99
CA GLU B 203 -24.15 -18.86 -1.73
C GLU B 203 -25.52 -19.15 -1.10
N VAL B 204 -26.36 -18.13 -1.01
CA VAL B 204 -27.74 -18.24 -0.50
C VAL B 204 -28.55 -19.37 -1.20
N LEU B 205 -28.37 -19.52 -2.51
CA LEU B 205 -29.08 -20.55 -3.25
C LEU B 205 -28.54 -21.96 -2.95
N ARG B 206 -27.45 -22.07 -2.17
CA ARG B 206 -27.01 -23.40 -1.72
C ARG B 206 -26.82 -23.51 -0.20
N ILE B 207 -27.20 -22.48 0.54
CA ILE B 207 -27.22 -22.57 1.98
C ILE B 207 -28.23 -23.65 2.36
N LYS B 208 -27.83 -24.53 3.26
CA LYS B 208 -28.79 -25.43 3.89
C LYS B 208 -28.64 -25.26 5.40
N PHE B 209 -29.66 -24.69 6.04
CA PHE B 209 -29.65 -24.48 7.49
C PHE B 209 -30.01 -25.77 8.23
N THR B 210 -29.54 -25.90 9.46
CA THR B 210 -29.92 -27.03 10.30
C THR B 210 -31.21 -26.67 11.10
N GLU B 211 -31.18 -25.60 11.88
CA GLU B 211 -32.33 -25.24 12.71
C GLU B 211 -33.59 -25.00 11.85
N GLU B 212 -34.74 -25.45 12.34
CA GLU B 212 -35.99 -25.39 11.58
C GLU B 212 -36.47 -23.95 11.35
N SER B 213 -36.42 -23.10 12.37
CA SER B 213 -36.82 -21.69 12.21
C SER B 213 -36.01 -20.98 11.11
N ARG B 214 -34.71 -21.26 11.02
CA ARG B 214 -33.89 -20.70 9.93
C ARG B 214 -34.25 -21.27 8.59
N ILE B 215 -34.72 -22.52 8.57
CA ILE B 215 -35.21 -23.13 7.32
C ILE B 215 -36.46 -22.42 6.86
N LYS B 216 -37.41 -22.21 7.76
CA LYS B 216 -38.66 -21.48 7.44
C LYS B 216 -38.40 -20.04 6.97
N LYS B 217 -37.53 -19.32 7.68
CA LYS B 217 -37.23 -17.93 7.35
C LYS B 217 -36.63 -17.83 5.96
N LEU B 218 -35.72 -18.74 5.65
CA LEU B 218 -35.09 -18.74 4.33
C LEU B 218 -36.11 -19.04 3.24
N HIS B 219 -37.06 -19.92 3.55
CA HIS B 219 -38.10 -20.32 2.59
C HIS B 219 -38.93 -19.09 2.23
N LYS B 220 -39.26 -18.28 3.24
CA LYS B 220 -40.00 -17.05 2.95
C LYS B 220 -39.19 -16.10 2.05
N LEU B 221 -37.88 -16.05 2.26
CA LEU B 221 -36.99 -15.15 1.53
C LEU B 221 -36.75 -15.61 0.06
N LEU B 222 -36.65 -16.91 -0.15
CA LEU B 222 -36.50 -17.48 -1.48
C LEU B 222 -37.81 -17.42 -2.28
N SER B 223 -38.93 -17.30 -1.57
CA SER B 223 -40.21 -17.08 -2.20
C SER B 223 -40.28 -15.80 -3.05
N TYR B 224 -39.35 -14.84 -2.86
CA TYR B 224 -39.32 -13.61 -3.67
C TYR B 224 -38.70 -13.79 -5.05
N ASN B 225 -38.10 -14.96 -5.30
CA ASN B 225 -37.40 -15.20 -6.57
C ASN B 225 -36.22 -14.25 -6.72
N LEU B 226 -35.24 -14.44 -5.84
CA LEU B 226 -34.13 -13.52 -5.72
C LEU B 226 -33.35 -13.34 -7.03
N PRO B 227 -33.11 -14.42 -7.80
CA PRO B 227 -32.41 -14.22 -9.10
C PRO B 227 -33.19 -13.34 -10.10
N LEU B 228 -34.51 -13.57 -10.20
CA LEU B 228 -35.37 -12.73 -11.05
C LEU B 228 -35.30 -11.25 -10.60
N GLU B 229 -35.40 -11.06 -9.28
CA GLU B 229 -35.39 -9.74 -8.69
C GLU B 229 -34.03 -8.97 -8.83
N LEU B 230 -32.92 -9.68 -8.68
CA LEU B 230 -31.62 -9.09 -8.98
C LEU B 230 -31.57 -8.53 -10.40
N GLU B 231 -32.23 -9.21 -11.33
CA GLU B 231 -32.23 -8.76 -12.72
C GLU B 231 -33.11 -7.55 -12.92
N ASN B 232 -34.18 -7.43 -12.12
CA ASN B 232 -34.97 -6.19 -12.13
C ASN B 232 -34.17 -5.04 -11.56
N LEU B 233 -33.36 -5.32 -10.55
CA LEU B 233 -32.54 -4.27 -9.90
C LEU B 233 -31.46 -3.79 -10.87
N ARG B 234 -30.78 -4.76 -11.47
CA ARG B 234 -29.77 -4.54 -12.52
C ARG B 234 -30.31 -3.68 -13.66
N SER B 235 -31.45 -4.08 -14.20
CA SER B 235 -32.15 -3.32 -15.20
C SER B 235 -32.42 -1.86 -14.78
N LEU B 236 -32.94 -1.68 -13.58
CA LEU B 236 -33.22 -0.35 -13.04
C LEU B 236 -31.98 0.49 -12.88
N LEU B 237 -30.96 -0.08 -12.22
CA LEU B 237 -29.74 0.69 -11.92
C LEU B 237 -28.89 0.97 -13.18
N GLU B 238 -28.82 0.02 -14.11
CA GLU B 238 -28.16 0.29 -15.39
C GLU B 238 -28.77 1.47 -16.16
N SER B 239 -30.05 1.77 -15.94
CA SER B 239 -30.70 2.95 -16.57
C SER B 239 -30.67 4.20 -15.65
N THR B 240 -29.86 4.14 -14.57
CA THR B 240 -29.73 5.20 -13.56
C THR B 240 -28.28 5.60 -13.54
N PRO B 241 -27.93 6.66 -14.30
CA PRO B 241 -26.54 7.17 -14.29
C PRO B 241 -26.07 7.53 -12.90
N SER B 242 -24.87 7.10 -12.52
CA SER B 242 -24.27 7.39 -11.21
C SER B 242 -22.76 7.28 -11.38
N PRO B 243 -22.04 8.32 -10.95
CA PRO B 243 -20.61 8.31 -11.17
C PRO B 243 -19.86 7.31 -10.25
N VAL B 244 -18.91 6.59 -10.84
CA VAL B 244 -18.09 5.65 -10.15
C VAL B 244 -17.11 6.52 -9.39
N VAL B 245 -17.02 6.28 -8.09
CA VAL B 245 -16.13 7.04 -7.22
C VAL B 245 -15.58 6.07 -6.19
N PHE B 246 -14.58 6.52 -5.42
CA PHE B 246 -14.08 5.72 -4.31
C PHE B 246 -15.04 5.72 -3.13
N CYS B 247 -15.76 4.61 -2.98
CA CYS B 247 -16.82 4.48 -2.00
C CYS B 247 -16.36 3.80 -0.70
N HIS B 248 -16.81 4.35 0.43
CA HIS B 248 -16.67 3.73 1.74
C HIS B 248 -17.48 2.45 1.82
N ASN B 249 -18.72 2.49 1.30
CA ASN B 249 -19.65 1.37 1.15
C ASN B 249 -20.29 0.83 2.46
N ASP B 250 -20.10 1.54 3.58
CA ASP B 250 -20.60 1.15 4.93
C ASP B 250 -20.61 2.36 5.85
N CYS B 251 -21.13 3.48 5.33
CA CYS B 251 -21.12 4.74 6.04
C CYS B 251 -22.32 4.81 6.99
N GLN B 252 -22.09 4.33 8.20
CA GLN B 252 -23.09 4.16 9.22
C GLN B 252 -22.55 4.73 10.49
N GLU B 253 -23.42 4.85 11.49
CA GLU B 253 -23.09 5.37 12.80
C GLU B 253 -21.98 4.60 13.53
N GLY B 254 -21.87 3.29 13.29
CA GLY B 254 -20.90 2.48 13.97
C GLY B 254 -19.49 2.71 13.45
N ASN B 255 -19.38 3.28 12.24
CA ASN B 255 -18.10 3.68 11.62
C ASN B 255 -17.87 5.21 11.49
N ILE B 256 -18.54 6.01 12.31
CA ILE B 256 -18.39 7.47 12.32
C ILE B 256 -18.09 7.84 13.76
N LEU B 257 -16.85 8.30 14.00
CA LEU B 257 -16.39 8.77 15.29
C LEU B 257 -16.79 10.19 15.56
N LEU B 258 -17.41 10.45 16.70
CA LEU B 258 -17.54 11.80 17.19
C LEU B 258 -16.30 12.09 18.05
N LEU B 259 -15.48 13.05 17.61
CA LEU B 259 -14.14 13.21 18.17
C LEU B 259 -14.22 13.95 19.46
N GLU B 260 -13.68 13.34 20.50
CA GLU B 260 -13.70 13.89 21.83
C GLU B 260 -12.98 15.22 21.78
N GLY B 261 -13.54 16.21 22.47
CA GLY B 261 -13.04 17.58 22.47
C GLY B 261 -13.37 18.43 21.25
N ARG B 262 -14.17 17.90 20.31
CA ARG B 262 -14.59 18.67 19.12
C ARG B 262 -16.10 18.80 19.03
N GLU B 263 -16.81 18.46 20.12
CA GLU B 263 -18.27 18.32 20.10
C GLU B 263 -19.01 19.65 19.80
N ASN B 264 -18.34 20.78 20.06
CA ASN B 264 -18.92 22.11 19.81
C ASN B 264 -18.55 22.68 18.46
N SER B 265 -17.67 21.99 17.76
CA SER B 265 -17.40 22.28 16.34
C SER B 265 -18.61 21.96 15.49
N GLU B 266 -19.05 22.90 14.66
CA GLU B 266 -20.23 22.69 13.82
C GLU B 266 -19.91 21.87 12.57
N LYS B 267 -18.65 21.88 12.12
CA LYS B 267 -18.30 21.28 10.82
C LYS B 267 -17.16 20.25 10.79
N GLN B 268 -16.42 20.11 11.89
CA GLN B 268 -15.28 19.21 11.91
C GLN B 268 -15.21 18.46 13.21
N LYS B 269 -16.27 17.74 13.55
CA LYS B 269 -16.26 16.92 14.77
C LYS B 269 -16.28 15.40 14.51
N LEU B 270 -16.22 15.00 13.25
CA LEU B 270 -16.42 13.58 12.88
C LEU B 270 -15.29 13.02 12.12
N MET B 271 -15.11 11.72 12.21
CA MET B 271 -14.19 11.00 11.33
C MET B 271 -14.82 9.70 10.88
N LEU B 272 -14.68 9.39 9.59
CA LEU B 272 -15.12 8.13 9.04
C LEU B 272 -14.03 7.11 9.24
N ILE B 273 -14.40 5.93 9.75
CA ILE B 273 -13.47 4.78 9.88
C ILE B 273 -13.99 3.48 9.21
N ASP B 274 -13.20 2.41 9.35
CA ASP B 274 -13.56 1.01 8.95
C ASP B 274 -13.88 0.86 7.48
N PHE B 275 -12.84 0.59 6.72
CA PHE B 275 -12.92 0.74 5.32
C PHE B 275 -12.90 -0.62 4.68
N GLU B 276 -13.26 -1.65 5.43
CA GLU B 276 -13.13 -2.99 4.89
C GLU B 276 -13.98 -3.27 3.63
N TYR B 277 -15.11 -2.56 3.47
CA TYR B 277 -15.94 -2.71 2.27
C TYR B 277 -15.65 -1.69 1.17
N SER B 278 -14.69 -0.78 1.40
CA SER B 278 -14.39 0.34 0.48
C SER B 278 -13.85 -0.11 -0.84
N SER B 279 -14.40 0.48 -1.91
CA SER B 279 -14.02 0.13 -3.29
C SER B 279 -14.55 1.18 -4.21
N TYR B 280 -14.08 1.17 -5.46
CA TYR B 280 -14.69 1.98 -6.51
C TYR B 280 -16.03 1.37 -6.74
N ASN B 281 -17.03 2.24 -6.76
CA ASN B 281 -18.47 1.87 -6.80
C ASN B 281 -19.30 3.08 -7.20
N TYR B 282 -20.56 2.84 -7.55
CA TYR B 282 -21.49 3.93 -7.82
C TYR B 282 -21.73 4.79 -6.59
N ARG B 283 -21.58 6.10 -6.76
CA ARG B 283 -21.74 7.06 -5.70
C ARG B 283 -23.12 6.96 -5.06
N GLY B 284 -24.12 6.65 -5.86
CA GLY B 284 -25.47 6.57 -5.36
C GLY B 284 -25.58 5.47 -4.34
N PHE B 285 -24.80 4.40 -4.50
CA PHE B 285 -24.80 3.36 -3.49
C PHE B 285 -24.34 3.88 -2.10
N ASP B 286 -23.29 4.66 -2.06
CA ASP B 286 -22.76 5.09 -0.77
C ASP B 286 -23.78 5.99 -0.10
N ILE B 287 -24.41 6.86 -0.89
CA ILE B 287 -25.45 7.80 -0.38
C ILE B 287 -26.74 7.07 -0.07
N GLY B 288 -27.19 6.23 -0.99
CA GLY B 288 -28.38 5.39 -0.71
C GLY B 288 -28.24 4.53 0.54
N ASN B 289 -27.13 3.81 0.64
CA ASN B 289 -26.81 3.02 1.83
C ASN B 289 -26.81 3.82 3.12
N HIS B 290 -26.21 5.01 3.08
CA HIS B 290 -26.21 5.85 4.26
C HIS B 290 -27.63 6.26 4.65
N PHE B 291 -28.48 6.50 3.66
CA PHE B 291 -29.87 6.89 3.94
C PHE B 291 -30.58 5.73 4.58
N CYS B 292 -30.39 4.54 4.02
CA CYS B 292 -30.95 3.33 4.64
C CYS B 292 -30.52 3.19 6.09
N GLU B 293 -29.28 3.58 6.39
CA GLU B 293 -28.70 3.40 7.73
C GLU B 293 -29.30 4.21 8.85
N TRP B 294 -30.14 5.17 8.48
CA TRP B 294 -30.94 5.94 9.46
C TRP B 294 -32.02 5.07 10.11
N MET B 295 -32.43 4.02 9.40
CA MET B 295 -33.45 3.07 9.88
C MET B 295 -32.93 1.99 10.83
N TYR B 296 -31.61 1.72 10.80
CA TYR B 296 -31.01 0.59 11.51
C TYR B 296 -30.10 0.97 12.66
N ASP B 297 -30.48 0.40 13.84
CA ASP B 297 -29.77 0.55 15.10
C ASP B 297 -29.25 -0.80 15.51
N TYR B 298 -27.93 -0.98 15.43
CA TYR B 298 -27.31 -2.26 15.72
C TYR B 298 -26.90 -2.39 17.17
N SER B 299 -27.40 -1.51 18.05
CA SER B 299 -26.98 -1.48 19.48
C SER B 299 -28.05 -2.02 20.45
N TYR B 300 -29.24 -2.32 19.93
CA TYR B 300 -30.27 -2.97 20.71
C TYR B 300 -29.67 -4.14 21.52
N GLU B 301 -29.93 -4.15 22.83
CA GLU B 301 -29.30 -5.13 23.74
C GLU B 301 -30.04 -6.50 23.78
N LYS B 302 -31.26 -6.55 23.22
CA LYS B 302 -32.11 -7.72 23.18
C LYS B 302 -32.27 -8.27 21.76
N TYR B 303 -32.44 -9.59 21.64
CA TYR B 303 -32.66 -10.23 20.32
C TYR B 303 -33.77 -9.53 19.56
N PRO B 304 -33.60 -9.34 18.24
CA PRO B 304 -32.52 -9.73 17.33
C PRO B 304 -31.23 -8.88 17.39
N PHE B 305 -31.13 -7.99 18.37
CA PHE B 305 -29.93 -7.15 18.55
C PHE B 305 -29.78 -6.05 17.48
N PHE B 306 -30.86 -5.76 16.79
CA PHE B 306 -31.00 -4.52 16.08
C PHE B 306 -32.42 -4.02 16.21
N ARG B 307 -32.62 -2.77 15.80
CA ARG B 307 -33.96 -2.24 15.48
C ARG B 307 -33.99 -1.68 14.06
N ALA B 308 -35.14 -1.78 13.43
CA ALA B 308 -35.45 -1.18 12.16
C ALA B 308 -36.69 -0.31 12.38
N ASN B 309 -36.52 1.00 12.21
CA ASN B 309 -37.65 1.93 12.08
C ASN B 309 -37.73 2.54 10.67
N ILE B 310 -38.65 2.04 9.85
CA ILE B 310 -38.83 2.51 8.46
C ILE B 310 -39.36 3.97 8.36
N ARG B 311 -39.94 4.47 9.44
CA ARG B 311 -40.41 5.86 9.49
C ARG B 311 -39.22 6.81 9.65
N LYS B 312 -38.05 6.28 10.03
CA LYS B 312 -36.82 7.09 10.27
C LYS B 312 -35.90 7.25 9.00
N TYR B 313 -36.29 6.69 7.86
CA TYR B 313 -35.65 7.05 6.61
C TYR B 313 -35.72 8.58 6.39
N PRO B 314 -34.65 9.21 5.88
CA PRO B 314 -34.73 10.65 5.71
C PRO B 314 -35.90 11.14 4.84
N THR B 315 -36.59 12.17 5.30
CA THR B 315 -37.63 12.83 4.47
C THR B 315 -36.92 13.53 3.35
N LYS B 316 -37.66 13.93 2.33
CA LYS B 316 -37.10 14.64 1.17
C LYS B 316 -36.27 15.84 1.58
N LYS B 317 -36.75 16.61 2.55
CA LYS B 317 -36.04 17.78 3.07
C LYS B 317 -34.68 17.37 3.67
N GLN B 318 -34.78 16.38 4.56
CA GLN B 318 -33.57 15.80 5.17
C GLN B 318 -32.57 15.32 4.14
N GLN B 319 -33.07 14.73 3.06
CA GLN B 319 -32.22 14.24 1.97
C GLN B 319 -31.67 15.38 1.16
N LEU B 320 -32.49 16.41 0.94
CA LEU B 320 -32.00 17.63 0.23
C LEU B 320 -30.87 18.35 1.00
N HIS B 321 -31.04 18.45 2.32
CA HIS B 321 -30.01 18.98 3.21
C HIS B 321 -28.72 18.20 3.07
N PHE B 322 -28.80 16.87 3.11
CA PHE B 322 -27.61 16.07 2.91
C PHE B 322 -26.93 16.37 1.61
N ILE B 323 -27.66 16.35 0.49
CA ILE B 323 -26.98 16.47 -0.83
C ILE B 323 -26.53 17.91 -1.16
N SER B 324 -27.23 18.89 -0.58
CA SER B 324 -26.79 20.32 -0.61
C SER B 324 -25.40 20.53 -0.01
N SER B 325 -25.05 19.68 0.96
CA SER B 325 -23.71 19.69 1.54
C SER B 325 -22.77 18.78 0.73
N TYR B 326 -23.26 17.62 0.32
CA TYR B 326 -22.45 16.70 -0.49
C TYR B 326 -21.88 17.39 -1.72
N LEU B 327 -22.78 18.04 -2.47
CA LEU B 327 -22.51 18.44 -3.86
C LEU B 327 -21.41 19.52 -4.06
N PRO B 328 -21.41 20.57 -3.25
CA PRO B 328 -20.32 21.52 -3.38
C PRO B 328 -18.99 20.93 -2.87
N ALA B 329 -19.08 20.14 -1.80
CA ALA B 329 -17.93 19.39 -1.31
C ALA B 329 -17.28 18.56 -2.46
N PHE B 330 -18.09 17.95 -3.29
CA PHE B 330 -17.61 16.99 -4.26
C PHE B 330 -17.39 17.56 -5.65
N GLN B 331 -18.15 18.62 -5.97
CA GLN B 331 -18.16 19.26 -7.30
C GLN B 331 -17.66 20.69 -7.14
N ASN B 332 -16.51 20.97 -7.72
CA ASN B 332 -15.84 22.26 -7.51
C ASN B 332 -16.69 23.49 -7.98
N ASP B 333 -17.34 23.35 -9.13
CA ASP B 333 -18.13 24.44 -9.78
C ASP B 333 -19.58 24.56 -9.29
N PHE B 334 -20.00 23.66 -8.42
CA PHE B 334 -21.41 23.53 -8.07
C PHE B 334 -21.97 24.77 -7.37
N GLU B 335 -21.24 25.31 -6.38
CA GLU B 335 -21.71 26.49 -5.59
C GLU B 335 -22.05 27.69 -6.48
N ASN B 336 -21.35 27.79 -7.59
CA ASN B 336 -21.45 28.93 -8.48
C ASN B 336 -22.44 28.73 -9.63
N LEU B 337 -23.32 27.73 -9.51
CA LEU B 337 -24.30 27.45 -10.56
C LEU B 337 -25.57 28.22 -10.26
N SER B 338 -26.42 28.31 -11.28
CA SER B 338 -27.72 28.98 -11.14
C SER B 338 -28.55 28.19 -10.16
N THR B 339 -29.43 28.87 -9.42
CA THR B 339 -30.31 28.17 -8.45
C THR B 339 -31.19 27.14 -9.16
N GLU B 340 -31.53 27.43 -10.42
CA GLU B 340 -32.29 26.50 -11.27
C GLU B 340 -31.46 25.28 -11.63
N GLU B 341 -30.21 25.50 -12.04
CA GLU B 341 -29.34 24.40 -12.49
C GLU B 341 -28.96 23.49 -11.30
N LYS B 342 -28.97 24.08 -10.11
CA LYS B 342 -28.63 23.37 -8.89
C LYS B 342 -29.73 22.41 -8.56
N SER B 343 -30.97 22.90 -8.53
CA SER B 343 -32.13 22.08 -8.27
C SER B 343 -32.32 20.97 -9.31
N ILE B 344 -32.00 21.25 -10.57
CA ILE B 344 -32.02 20.19 -11.62
C ILE B 344 -31.18 19.01 -11.16
N ILE B 345 -30.00 19.33 -10.68
CA ILE B 345 -29.02 18.33 -10.30
C ILE B 345 -29.44 17.60 -9.05
N LYS B 346 -29.93 18.33 -8.07
CA LYS B 346 -30.44 17.76 -6.83
C LYS B 346 -31.57 16.77 -7.07
N GLU B 347 -32.62 17.23 -7.76
CA GLU B 347 -33.76 16.38 -8.13
C GLU B 347 -33.32 15.11 -8.84
N GLU B 348 -32.40 15.22 -9.80
CA GLU B 348 -31.88 14.04 -10.50
C GLU B 348 -31.02 13.16 -9.56
N MET B 349 -30.38 13.80 -8.58
CA MET B 349 -29.58 13.09 -7.61
C MET B 349 -30.46 12.31 -6.62
N LEU B 350 -31.52 12.94 -6.15
CA LEU B 350 -32.50 12.27 -5.29
C LEU B 350 -33.01 10.94 -5.86
N LEU B 351 -33.35 10.94 -7.16
CA LEU B 351 -33.78 9.72 -7.87
C LEU B 351 -32.71 8.68 -7.91
N GLU B 352 -31.50 9.13 -8.20
CA GLU B 352 -30.32 8.29 -8.23
C GLU B 352 -30.03 7.60 -6.91
N VAL B 353 -30.00 8.35 -5.81
CA VAL B 353 -29.60 7.80 -4.51
C VAL B 353 -30.67 6.84 -3.96
N ASN B 354 -31.93 7.19 -4.16
CA ASN B 354 -33.07 6.41 -3.70
C ASN B 354 -33.29 5.14 -4.52
N ARG B 355 -32.90 5.17 -5.78
CA ARG B 355 -32.79 3.96 -6.57
C ARG B 355 -31.67 3.04 -6.15
N PHE B 356 -30.47 3.59 -5.92
CA PHE B 356 -29.35 2.76 -5.44
C PHE B 356 -29.51 2.27 -4.00
N ALA B 357 -30.30 2.99 -3.20
CA ALA B 357 -30.67 2.49 -1.88
C ALA B 357 -31.27 1.07 -1.94
N LEU B 358 -31.92 0.74 -3.07
CA LEU B 358 -32.50 -0.60 -3.26
C LEU B 358 -31.41 -1.68 -3.28
N ALA B 359 -30.25 -1.31 -3.80
CA ALA B 359 -29.11 -2.21 -3.81
C ALA B 359 -28.51 -2.36 -2.42
N SER B 360 -28.55 -1.34 -1.58
CA SER B 360 -28.11 -1.52 -0.16
C SER B 360 -28.93 -2.60 0.55
N HIS B 361 -30.26 -2.51 0.42
CA HIS B 361 -31.17 -3.46 1.00
C HIS B 361 -30.96 -4.83 0.41
N PHE B 362 -30.75 -4.92 -0.89
CA PHE B 362 -30.63 -6.22 -1.54
C PHE B 362 -29.31 -6.89 -1.21
N LEU B 363 -28.21 -6.12 -1.26
CA LEU B 363 -26.88 -6.64 -0.92
C LEU B 363 -26.82 -7.05 0.52
N TRP B 364 -27.20 -6.18 1.43
CA TRP B 364 -27.06 -6.47 2.84
C TRP B 364 -28.07 -7.50 3.30
N GLY B 365 -29.20 -7.58 2.60
CA GLY B 365 -30.14 -8.68 2.74
C GLY B 365 -29.51 -10.03 2.45
N LEU B 366 -28.82 -10.14 1.31
CA LEU B 366 -28.11 -11.37 0.89
C LEU B 366 -26.93 -11.67 1.84
N TRP B 367 -26.18 -10.62 2.16
CA TRP B 367 -25.06 -10.73 3.11
C TRP B 367 -25.49 -11.34 4.42
N SER B 368 -26.64 -10.91 4.90
CA SER B 368 -27.11 -11.31 6.20
C SER B 368 -27.57 -12.79 6.24
N ILE B 369 -28.15 -13.32 5.15
CA ILE B 369 -28.53 -14.74 5.07
C ILE B 369 -27.27 -15.60 5.17
N VAL B 370 -26.26 -15.25 4.37
CA VAL B 370 -24.92 -15.89 4.44
C VAL B 370 -24.29 -15.82 5.84
N GLN B 371 -24.42 -14.70 6.54
CA GLN B 371 -23.85 -14.56 7.89
C GLN B 371 -24.53 -15.47 8.87
N ALA B 372 -25.86 -15.52 8.81
CA ALA B 372 -26.64 -16.43 9.64
C ALA B 372 -26.11 -17.88 9.57
N LYS B 373 -25.61 -18.30 8.40
CA LYS B 373 -24.99 -19.63 8.27
C LYS B 373 -23.60 -19.69 8.92
N ILE B 374 -22.71 -18.75 8.56
CA ILE B 374 -21.28 -18.85 8.90
C ILE B 374 -20.83 -18.15 10.18
N SER B 375 -21.57 -17.13 10.62
CA SER B 375 -21.11 -16.27 11.71
C SER B 375 -21.32 -16.91 13.08
N SER B 376 -20.38 -16.65 13.98
CA SER B 376 -20.42 -17.07 15.39
C SER B 376 -20.77 -15.91 16.34
N ILE B 377 -20.97 -14.73 15.75
CA ILE B 377 -21.51 -13.59 16.46
C ILE B 377 -22.97 -13.84 16.83
N GLU B 378 -23.36 -13.45 18.04
CA GLU B 378 -24.76 -13.43 18.38
C GLU B 378 -25.47 -12.16 17.83
N PHE B 379 -26.34 -12.39 16.81
CA PHE B 379 -27.12 -11.34 16.12
C PHE B 379 -28.23 -12.04 15.31
N GLY B 380 -29.41 -11.44 15.24
CA GLY B 380 -30.54 -11.98 14.44
C GLY B 380 -30.38 -11.68 12.95
N TYR B 381 -29.47 -12.41 12.33
CA TYR B 381 -29.12 -12.24 10.93
C TYR B 381 -30.27 -12.50 10.03
N MET B 382 -31.05 -13.53 10.31
CA MET B 382 -32.23 -13.85 9.48
C MET B 382 -33.39 -12.83 9.64
N ASP B 383 -33.58 -12.30 10.81
CA ASP B 383 -34.57 -11.24 11.02
C ASP B 383 -34.16 -9.89 10.39
N TYR B 384 -32.85 -9.64 10.32
CA TYR B 384 -32.28 -8.48 9.62
C TYR B 384 -32.42 -8.68 8.13
N ALA B 385 -32.11 -9.86 7.64
CA ALA B 385 -32.40 -10.21 6.25
C ALA B 385 -33.81 -9.83 5.88
N GLN B 386 -34.76 -10.12 6.74
CA GLN B 386 -36.18 -9.98 6.38
C GLN B 386 -36.54 -8.51 6.41
N ALA B 387 -35.97 -7.78 7.36
CA ALA B 387 -36.18 -6.34 7.48
C ALA B 387 -35.63 -5.62 6.26
N ARG B 388 -34.49 -6.06 5.75
CA ARG B 388 -33.91 -5.42 4.56
C ARG B 388 -34.73 -5.71 3.32
N PHE B 389 -35.24 -6.93 3.20
CA PHE B 389 -36.08 -7.19 2.02
C PHE B 389 -37.44 -6.52 2.11
N ASP B 390 -38.03 -6.47 3.30
CA ASP B 390 -39.27 -5.73 3.46
C ASP B 390 -39.08 -4.29 3.00
N ALA B 391 -37.94 -3.72 3.40
CA ALA B 391 -37.58 -2.32 3.13
C ALA B 391 -37.29 -2.12 1.65
N TYR B 392 -36.71 -3.14 1.03
CA TYR B 392 -36.54 -3.20 -0.42
C TYR B 392 -37.88 -3.08 -1.15
N PHE B 393 -38.82 -3.98 -0.88
CA PHE B 393 -40.13 -3.91 -1.56
C PHE B 393 -40.91 -2.66 -1.19
N HIS B 394 -40.80 -2.20 0.06
CA HIS B 394 -41.48 -0.99 0.44
C HIS B 394 -40.98 0.19 -0.39
N GLN B 395 -39.66 0.29 -0.50
CA GLN B 395 -38.97 1.32 -1.27
C GLN B 395 -39.33 1.25 -2.77
N LYS B 396 -39.31 0.06 -3.36
CA LYS B 396 -39.86 -0.12 -4.73
C LYS B 396 -41.22 0.49 -4.93
N ARG B 397 -42.10 0.25 -3.96
CA ARG B 397 -43.46 0.76 -4.00
C ARG B 397 -43.47 2.31 -3.88
N LYS B 398 -42.70 2.85 -2.93
CA LYS B 398 -42.49 4.30 -2.79
C LYS B 398 -42.14 4.89 -4.12
N LEU B 399 -41.21 4.28 -4.81
CA LEU B 399 -40.67 4.83 -6.05
C LEU B 399 -41.50 4.46 -7.29
N GLY B 400 -42.41 3.49 -7.16
CA GLY B 400 -43.21 3.04 -8.30
C GLY B 400 -42.36 2.33 -9.34
N VAL B 401 -41.31 1.62 -8.88
CA VAL B 401 -40.43 0.94 -9.82
C VAL B 401 -40.69 -0.56 -9.82
#